data_4RII
#
_entry.id   4RII
#
_cell.length_a   52.693
_cell.length_b   58.669
_cell.length_c   63.660
_cell.angle_alpha   78.78
_cell.angle_beta   70.16
_cell.angle_gamma   86.77
#
_symmetry.space_group_name_H-M   'P 1'
#
loop_
_entity.id
_entity.type
_entity.pdbx_description
1 polymer 'Glycosyl transferase homolog,Glycosyl transferase'
2 non-polymer "THYMIDINE-5'-DIPHOSPHATE"
3 non-polymer 'MAGNESIUM ION'
4 water water
#
_entity_poly.entity_id   1
_entity_poly.type   'polypeptide(L)'
_entity_poly.pdbx_seq_one_letter_code
;MKILFVAAGSPATVFALAPLATAARNAGHDVFMGAVEDMVPYIASAGIPAVATTDLPIRHFITMDREGNPVRMPETPEEE
LDFAGHWFGRMAAGSMDALREVTANWRPDLVVGGSMSFAAALIAAELGVPYVRQAWDTGDAWRTDPAASDELRPELRALG
LDRLPDPALFVDICPPSLRPADAPPAQMMRWVPANGQRRLEPWMYTKGNRPRILVTSGSRLVFAKKTGFLRGLVADMAAL
DAEVVIATLDEVAEELRTELPGVRAGWVPLDVVVPTCDVVVHHAGGVTALTAMNAGVPQLIVPQGGNFVEAGLRISDFGA
AITVDENTPEAVEKACGELIGNPSYAERARELSAEIAALPLPAEVVGALEGLVENLYFQ
;
_entity_poly.pdbx_strand_id   A,B
#
loop_
_chem_comp.id
_chem_comp.type
_chem_comp.name
_chem_comp.formula
MG non-polymer 'MAGNESIUM ION' 'Mg 2'
TYD non-polymer THYMIDINE-5'-DIPHOSPHATE 'C10 H16 N2 O11 P2'
#
# COMPACT_ATOMS: atom_id res chain seq x y z
N MET A 1 14.89 -2.47 -10.62
CA MET A 1 14.51 -2.01 -12.00
C MET A 1 13.27 -1.12 -11.94
N LYS A 2 12.94 -0.47 -13.05
CA LYS A 2 11.73 0.35 -13.17
C LYS A 2 10.62 -0.47 -13.81
N ILE A 3 9.48 -0.56 -13.12
CA ILE A 3 8.33 -1.31 -13.64
C ILE A 3 7.10 -0.41 -13.71
N LEU A 4 6.52 -0.33 -14.90
CA LEU A 4 5.26 0.38 -15.10
C LEU A 4 4.08 -0.58 -15.09
N PHE A 5 3.15 -0.36 -14.16
CA PHE A 5 1.90 -1.12 -14.11
C PHE A 5 0.82 -0.28 -14.79
N VAL A 6 -0.07 -0.94 -15.54
CA VAL A 6 -1.18 -0.23 -16.22
C VAL A 6 -2.51 -0.84 -15.81
N ALA A 7 -3.28 -0.07 -15.03
CA ALA A 7 -4.63 -0.45 -14.67
C ALA A 7 -5.60 0.22 -15.65
N ALA A 8 -6.89 0.19 -15.35
CA ALA A 8 -7.90 0.61 -16.32
C ALA A 8 -8.79 1.76 -15.82
N GLY A 9 -10.10 1.52 -15.81
CA GLY A 9 -11.05 2.57 -15.49
C GLY A 9 -11.80 2.37 -14.19
N SER A 10 -11.61 1.23 -13.53
CA SER A 10 -12.35 0.91 -12.32
C SER A 10 -11.45 0.52 -11.15
N PRO A 11 -11.92 0.76 -9.91
CA PRO A 11 -11.07 0.52 -8.75
C PRO A 11 -10.57 -0.92 -8.68
N ALA A 12 -11.40 -1.87 -9.10
CA ALA A 12 -11.02 -3.29 -9.03
C ALA A 12 -9.74 -3.57 -9.84
N THR A 13 -9.50 -2.79 -10.89
CA THR A 13 -8.34 -2.98 -11.74
C THR A 13 -7.04 -2.52 -11.06
N VAL A 14 -7.15 -1.51 -10.21
CA VAL A 14 -6.04 -1.06 -9.37
C VAL A 14 -5.78 -2.08 -8.28
N PHE A 15 -6.86 -2.48 -7.58
CA PHE A 15 -6.76 -3.47 -6.49
C PHE A 15 -6.16 -4.80 -6.92
N ALA A 16 -6.55 -5.28 -8.10
CA ALA A 16 -6.06 -6.59 -8.57
C ALA A 16 -4.56 -6.58 -8.89
N LEU A 17 -4.05 -5.44 -9.34
CA LEU A 17 -2.63 -5.25 -9.65
C LEU A 17 -1.76 -4.86 -8.44
N ALA A 18 -2.39 -4.35 -7.39
CA ALA A 18 -1.65 -3.82 -6.23
C ALA A 18 -0.76 -4.84 -5.49
N PRO A 19 -1.21 -6.10 -5.32
CA PRO A 19 -0.32 -7.03 -4.62
C PRO A 19 1.04 -7.22 -5.33
N LEU A 20 1.01 -7.46 -6.64
CA LEU A 20 2.25 -7.67 -7.37
C LEU A 20 3.06 -6.38 -7.46
N ALA A 21 2.36 -5.25 -7.61
CA ALA A 21 3.03 -3.94 -7.65
C ALA A 21 3.75 -3.64 -6.33
N THR A 22 3.07 -3.85 -5.20
CA THR A 22 3.69 -3.62 -3.90
C THR A 22 4.75 -4.68 -3.57
N ALA A 23 4.53 -5.91 -4.03
CA ALA A 23 5.57 -6.95 -3.93
C ALA A 23 6.86 -6.51 -4.65
N ALA A 24 6.74 -5.95 -5.87
CA ALA A 24 7.92 -5.46 -6.59
C ALA A 24 8.62 -4.31 -5.86
N ARG A 25 7.83 -3.37 -5.33
CA ARG A 25 8.36 -2.25 -4.56
C ARG A 25 9.07 -2.74 -3.27
N ASN A 26 8.45 -3.72 -2.61
CA ASN A 26 9.04 -4.35 -1.43
C ASN A 26 10.37 -5.06 -1.73
N ALA A 27 10.55 -5.45 -3.00
CA ALA A 27 11.77 -6.11 -3.44
C ALA A 27 12.82 -5.11 -3.94
N GLY A 28 12.54 -3.81 -3.80
CA GLY A 28 13.53 -2.79 -4.14
C GLY A 28 13.37 -2.14 -5.50
N HIS A 29 12.35 -2.57 -6.24
CA HIS A 29 12.07 -2.03 -7.58
C HIS A 29 11.35 -0.70 -7.49
N ASP A 30 11.52 0.14 -8.50
CA ASP A 30 10.81 1.42 -8.58
C ASP A 30 9.56 1.20 -9.41
N VAL A 31 8.40 1.46 -8.80
CA VAL A 31 7.12 1.09 -9.42
C VAL A 31 6.20 2.29 -9.57
N PHE A 32 5.73 2.49 -10.79
CA PHE A 32 4.69 3.46 -11.12
C PHE A 32 3.46 2.67 -11.60
N MET A 33 2.27 3.16 -11.31
CA MET A 33 1.04 2.57 -11.86
C MET A 33 0.18 3.64 -12.53
N GLY A 34 -0.34 3.31 -13.71
CA GLY A 34 -1.15 4.23 -14.51
C GLY A 34 -2.60 3.77 -14.55
N ALA A 35 -3.51 4.74 -14.63
CA ALA A 35 -4.95 4.52 -14.79
C ALA A 35 -5.58 5.85 -15.19
N VAL A 36 -6.84 5.82 -15.62
CA VAL A 36 -7.56 7.07 -15.95
C VAL A 36 -7.51 8.02 -14.76
N GLU A 37 -7.56 9.32 -15.04
CA GLU A 37 -7.50 10.34 -14.00
C GLU A 37 -8.38 10.06 -12.77
N ASP A 38 -9.61 9.59 -12.99
CA ASP A 38 -10.56 9.29 -11.91
C ASP A 38 -10.07 8.19 -10.96
N MET A 39 -9.19 7.32 -11.47
CA MET A 39 -8.67 6.17 -10.71
C MET A 39 -7.38 6.47 -9.96
N VAL A 40 -6.73 7.56 -10.34
CA VAL A 40 -5.48 8.01 -9.71
C VAL A 40 -5.49 8.00 -8.16
N PRO A 41 -6.56 8.55 -7.52
CA PRO A 41 -6.64 8.47 -6.05
C PRO A 41 -6.61 7.05 -5.46
N TYR A 42 -7.20 6.10 -6.16
CA TYR A 42 -7.16 4.70 -5.74
C TYR A 42 -5.74 4.13 -5.82
N ILE A 43 -4.96 4.52 -6.83
CA ILE A 43 -3.55 4.09 -6.94
C ILE A 43 -2.75 4.67 -5.77
N ALA A 44 -2.87 5.98 -5.58
CA ALA A 44 -2.19 6.69 -4.49
C ALA A 44 -2.50 6.12 -3.12
N SER A 45 -3.78 5.83 -2.87
CA SER A 45 -4.24 5.24 -1.59
C SER A 45 -3.96 3.74 -1.47
N ALA A 46 -3.34 3.16 -2.49
CA ALA A 46 -2.79 1.81 -2.40
C ALA A 46 -1.29 1.89 -2.09
N GLY A 47 -0.80 3.10 -1.91
CA GLY A 47 0.60 3.37 -1.59
C GLY A 47 1.53 3.25 -2.79
N ILE A 48 0.97 3.49 -3.99
CA ILE A 48 1.72 3.32 -5.24
C ILE A 48 1.80 4.66 -5.98
N PRO A 49 3.00 5.05 -6.47
CA PRO A 49 3.08 6.30 -7.26
C PRO A 49 2.15 6.22 -8.48
N ALA A 50 1.36 7.28 -8.70
CA ALA A 50 0.25 7.23 -9.66
C ALA A 50 0.40 8.18 -10.84
N VAL A 51 0.28 7.66 -12.05
CA VAL A 51 0.18 8.51 -13.24
C VAL A 51 -1.20 8.40 -13.93
N ALA A 52 -1.69 9.50 -14.47
CA ALA A 52 -2.94 9.49 -15.22
C ALA A 52 -2.64 9.10 -16.67
N THR A 53 -3.37 8.12 -17.20
CA THR A 53 -3.18 7.66 -18.58
C THR A 53 -4.00 8.54 -19.54
N THR A 54 -5.07 9.13 -19.02
CA THR A 54 -5.92 10.06 -19.77
C THR A 54 -6.71 10.92 -18.79
N ASP A 55 -7.02 12.15 -19.20
CA ASP A 55 -7.85 13.05 -18.40
C ASP A 55 -9.32 13.04 -18.83
N LEU A 56 -9.68 12.08 -19.69
CA LEU A 56 -11.06 11.88 -20.12
C LEU A 56 -11.76 10.87 -19.21
N PRO A 57 -13.04 11.10 -18.90
CA PRO A 57 -13.81 10.11 -18.13
C PRO A 57 -14.02 8.86 -18.98
N ILE A 58 -14.11 7.70 -18.36
CA ILE A 58 -14.26 6.44 -19.11
C ILE A 58 -15.50 6.36 -19.98
N ARG A 59 -16.57 7.06 -19.58
CA ARG A 59 -17.81 7.10 -20.34
C ARG A 59 -17.56 7.56 -21.78
N HIS A 60 -16.62 8.50 -21.95
CA HIS A 60 -16.20 8.94 -23.28
C HIS A 60 -15.79 7.75 -24.15
N PHE A 61 -15.05 6.79 -23.57
CA PHE A 61 -14.58 5.62 -24.31
C PHE A 61 -15.67 4.57 -24.46
N ILE A 62 -16.51 4.41 -23.44
CA ILE A 62 -17.58 3.40 -23.42
C ILE A 62 -18.73 3.70 -24.39
N THR A 63 -19.27 4.92 -24.34
CA THR A 63 -20.53 5.25 -24.99
C THR A 63 -20.38 5.76 -26.42
N MET A 64 -19.15 6.03 -26.86
CA MET A 64 -18.93 6.44 -28.25
C MET A 64 -17.66 5.90 -28.91
N ASP A 65 -17.76 5.59 -30.21
CA ASP A 65 -16.64 5.01 -30.95
C ASP A 65 -15.59 6.05 -31.32
N ARG A 66 -14.54 5.63 -32.03
CA ARG A 66 -13.39 6.49 -32.30
C ARG A 66 -13.78 7.75 -33.09
N GLU A 67 -14.87 7.66 -33.84
CA GLU A 67 -15.41 8.79 -34.64
C GLU A 67 -16.29 9.75 -33.83
N GLY A 68 -16.92 9.26 -32.77
CA GLY A 68 -17.83 10.07 -31.94
C GLY A 68 -19.27 9.62 -32.03
N ASN A 69 -19.49 8.52 -32.77
CA ASN A 69 -20.79 7.92 -32.99
C ASN A 69 -21.23 7.12 -31.75
N PRO A 70 -22.55 7.04 -31.49
CA PRO A 70 -23.05 6.26 -30.35
C PRO A 70 -22.74 4.76 -30.48
N VAL A 71 -22.53 4.12 -29.34
CA VAL A 71 -22.28 2.68 -29.25
C VAL A 71 -23.51 2.01 -28.64
N ARG A 72 -24.07 1.04 -29.37
CA ARG A 72 -25.21 0.26 -28.89
C ARG A 72 -24.76 -0.62 -27.72
N MET A 73 -25.45 -0.51 -26.58
CA MET A 73 -25.14 -1.29 -25.39
C MET A 73 -25.44 -2.78 -25.59
N PRO A 74 -24.55 -3.67 -25.10
CA PRO A 74 -24.69 -5.11 -25.34
C PRO A 74 -25.89 -5.73 -24.61
N GLU A 75 -26.60 -6.63 -25.29
CA GLU A 75 -27.78 -7.29 -24.72
C GLU A 75 -27.51 -8.75 -24.32
N THR A 76 -26.34 -9.27 -24.71
CA THR A 76 -26.00 -10.68 -24.52
C THR A 76 -24.55 -10.81 -24.05
N PRO A 77 -24.17 -11.98 -23.50
CA PRO A 77 -22.77 -12.21 -23.12
C PRO A 77 -21.81 -12.07 -24.30
N GLU A 78 -22.21 -12.58 -25.47
CA GLU A 78 -21.37 -12.55 -26.66
C GLU A 78 -21.18 -11.12 -27.19
N GLU A 79 -22.25 -10.33 -27.17
CA GLU A 79 -22.18 -8.90 -27.50
C GLU A 79 -21.27 -8.16 -26.53
N GLU A 80 -21.31 -8.55 -25.26
CA GLU A 80 -20.51 -7.93 -24.22
C GLU A 80 -18.99 -8.05 -24.45
N LEU A 81 -18.55 -9.20 -24.95
CA LEU A 81 -17.13 -9.43 -25.24
C LEU A 81 -16.63 -8.51 -26.35
N ASP A 82 -17.43 -8.38 -27.40
CA ASP A 82 -17.05 -7.49 -28.49
C ASP A 82 -17.13 -6.03 -28.06
N PHE A 83 -18.20 -5.67 -27.35
CA PHE A 83 -18.37 -4.36 -26.73
C PHE A 83 -17.16 -3.97 -25.86
N ALA A 84 -16.78 -4.85 -24.94
CA ALA A 84 -15.66 -4.60 -24.02
C ALA A 84 -14.32 -4.51 -24.77
N GLY A 85 -14.12 -5.38 -25.76
CA GLY A 85 -12.91 -5.37 -26.57
C GLY A 85 -12.70 -4.02 -27.23
N HIS A 86 -13.77 -3.47 -27.78
CA HIS A 86 -13.71 -2.19 -28.47
C HIS A 86 -13.47 -0.99 -27.54
N TRP A 87 -14.21 -0.90 -26.43
CA TRP A 87 -14.06 0.27 -25.56
C TRP A 87 -12.77 0.28 -24.73
N PHE A 88 -12.35 -0.89 -24.24
CA PHE A 88 -11.02 -1.00 -23.65
C PHE A 88 -9.95 -0.67 -24.70
N GLY A 89 -10.18 -1.09 -25.94
CA GLY A 89 -9.31 -0.73 -27.05
C GLY A 89 -9.22 0.78 -27.24
N ARG A 90 -10.38 1.42 -27.22
CA ARG A 90 -10.47 2.87 -27.38
C ARG A 90 -9.76 3.59 -26.22
N MET A 91 -10.01 3.14 -25.00
CA MET A 91 -9.31 3.69 -23.83
C MET A 91 -7.80 3.49 -23.95
N ALA A 92 -7.36 2.34 -24.47
CA ALA A 92 -5.93 2.09 -24.66
C ALA A 92 -5.32 3.07 -25.66
N ALA A 93 -5.99 3.28 -26.80
CA ALA A 93 -5.51 4.26 -27.78
C ALA A 93 -5.43 5.68 -27.19
N GLY A 94 -6.39 6.02 -26.34
CA GLY A 94 -6.44 7.34 -25.70
C GLY A 94 -5.43 7.46 -24.57
N SER A 95 -4.78 6.34 -24.24
CA SER A 95 -3.80 6.33 -23.15
C SER A 95 -2.37 6.58 -23.63
N MET A 96 -2.14 6.44 -24.92
CA MET A 96 -0.78 6.42 -25.48
C MET A 96 0.02 7.70 -25.35
N ASP A 97 -0.61 8.85 -25.59
CA ASP A 97 0.07 10.14 -25.44
C ASP A 97 0.66 10.36 -24.04
N ALA A 98 -0.16 10.11 -23.01
CA ALA A 98 0.29 10.28 -21.63
C ALA A 98 1.41 9.30 -21.26
N LEU A 99 1.26 8.06 -21.71
CA LEU A 99 2.24 7.01 -21.45
C LEU A 99 3.58 7.23 -22.17
N ARG A 100 3.54 7.83 -23.35
CA ARG A 100 4.77 8.19 -24.06
C ARG A 100 5.51 9.29 -23.32
N GLU A 101 4.76 10.29 -22.83
CA GLU A 101 5.32 11.41 -22.08
C GLU A 101 5.97 10.97 -20.76
N VAL A 102 5.33 10.04 -20.05
CA VAL A 102 5.89 9.48 -18.82
C VAL A 102 7.18 8.71 -19.14
N THR A 103 7.10 7.82 -20.13
CA THR A 103 8.17 6.87 -20.42
C THR A 103 9.40 7.46 -21.14
N ALA A 104 9.24 8.66 -21.70
CA ALA A 104 10.36 9.40 -22.27
C ALA A 104 11.30 9.91 -21.16
N ASN A 105 10.75 10.10 -19.97
CA ASN A 105 11.50 10.64 -18.85
C ASN A 105 11.78 9.62 -17.75
N TRP A 106 10.92 8.62 -17.64
CA TRP A 106 11.08 7.54 -16.67
C TRP A 106 10.87 6.27 -17.47
N ARG A 107 11.96 5.62 -17.87
CA ARG A 107 11.90 4.53 -18.81
C ARG A 107 11.78 3.17 -18.13
N PRO A 108 10.62 2.50 -18.27
CA PRO A 108 10.51 1.22 -17.57
C PRO A 108 11.32 0.12 -18.25
N ASP A 109 11.79 -0.82 -17.45
CA ASP A 109 12.51 -1.97 -17.97
C ASP A 109 11.51 -3.08 -18.29
N LEU A 110 10.29 -2.93 -17.78
CA LEU A 110 9.23 -3.91 -17.93
C LEU A 110 7.86 -3.24 -17.75
N VAL A 111 6.86 -3.71 -18.48
CA VAL A 111 5.49 -3.21 -18.35
C VAL A 111 4.50 -4.35 -18.01
N VAL A 112 3.72 -4.17 -16.96
CA VAL A 112 2.71 -5.13 -16.52
C VAL A 112 1.34 -4.48 -16.74
N GLY A 113 0.49 -5.13 -17.52
CA GLY A 113 -0.90 -4.69 -17.65
C GLY A 113 -1.84 -5.72 -17.06
N GLY A 114 -3.04 -5.26 -16.71
CA GLY A 114 -4.14 -6.17 -16.33
C GLY A 114 -4.75 -6.81 -17.57
N SER A 115 -5.77 -7.64 -17.35
CA SER A 115 -6.43 -8.38 -18.45
C SER A 115 -6.70 -7.56 -19.72
N MET A 116 -7.33 -6.38 -19.58
CA MET A 116 -7.67 -5.55 -20.75
C MET A 116 -6.99 -4.18 -20.79
N SER A 117 -5.83 -4.06 -20.16
CA SER A 117 -5.01 -2.85 -20.25
C SER A 117 -4.14 -2.94 -21.49
N PHE A 118 -4.73 -2.75 -22.67
CA PHE A 118 -4.01 -3.02 -23.90
C PHE A 118 -2.92 -2.00 -24.18
N ALA A 119 -3.01 -0.83 -23.55
CA ALA A 119 -1.98 0.20 -23.69
C ALA A 119 -0.63 -0.33 -23.18
N ALA A 120 -0.65 -1.27 -22.25
CA ALA A 120 0.58 -1.89 -21.75
C ALA A 120 1.28 -2.64 -22.90
N ALA A 121 0.51 -3.37 -23.69
CA ALA A 121 1.03 -4.11 -24.83
C ALA A 121 1.65 -3.14 -25.83
N LEU A 122 0.94 -2.05 -26.11
CA LEU A 122 1.40 -1.07 -27.11
C LEU A 122 2.64 -0.32 -26.65
N ILE A 123 2.66 0.09 -25.38
CA ILE A 123 3.79 0.88 -24.89
C ILE A 123 5.04 0.03 -24.75
N ALA A 124 4.88 -1.21 -24.31
CA ALA A 124 5.99 -2.14 -24.23
C ALA A 124 6.58 -2.38 -25.62
N ALA A 125 5.71 -2.56 -26.61
CA ALA A 125 6.13 -2.85 -27.97
C ALA A 125 6.88 -1.65 -28.52
N GLU A 126 6.39 -0.46 -28.17
CA GLU A 126 6.99 0.79 -28.63
C GLU A 126 8.38 0.96 -28.03
N LEU A 127 8.51 0.64 -26.73
CA LEU A 127 9.74 0.80 -26.00
C LEU A 127 10.75 -0.32 -26.24
N GLY A 128 10.27 -1.48 -26.70
CA GLY A 128 11.08 -2.68 -26.84
C GLY A 128 11.46 -3.29 -25.51
N VAL A 129 10.48 -3.43 -24.62
CA VAL A 129 10.69 -4.05 -23.30
C VAL A 129 9.61 -5.12 -23.11
N PRO A 130 9.89 -6.15 -22.27
CA PRO A 130 8.87 -7.20 -22.03
C PRO A 130 7.50 -6.69 -21.56
N TYR A 131 6.47 -7.30 -22.12
CA TYR A 131 5.08 -7.06 -21.75
C TYR A 131 4.58 -8.23 -20.91
N VAL A 132 4.20 -7.96 -19.68
CA VAL A 132 3.58 -8.97 -18.83
C VAL A 132 2.08 -8.66 -18.68
N ARG A 133 1.26 -9.68 -18.89
CA ARG A 133 -0.17 -9.55 -18.73
C ARG A 133 -0.58 -10.32 -17.48
N GLN A 134 -1.16 -9.63 -16.52
CA GLN A 134 -1.68 -10.29 -15.31
C GLN A 134 -3.22 -10.36 -15.33
N ALA A 135 -3.79 -11.55 -15.16
CA ALA A 135 -5.25 -11.63 -14.99
C ALA A 135 -5.69 -10.76 -13.79
N TRP A 136 -6.71 -9.94 -13.98
CA TRP A 136 -7.22 -9.11 -12.89
C TRP A 136 -8.55 -9.64 -12.32
N ASP A 137 -8.93 -10.84 -12.74
CA ASP A 137 -9.99 -11.62 -12.10
C ASP A 137 -9.93 -13.07 -12.60
N THR A 138 -10.91 -13.88 -12.23
CA THR A 138 -10.89 -15.30 -12.62
C THR A 138 -11.49 -15.57 -14.02
N GLY A 139 -11.97 -14.53 -14.68
CA GLY A 139 -12.42 -14.65 -16.06
C GLY A 139 -11.24 -14.76 -17.02
N ASP A 140 -11.49 -15.30 -18.20
CA ASP A 140 -10.44 -15.43 -19.21
C ASP A 140 -9.90 -14.06 -19.62
N ALA A 141 -8.62 -13.84 -19.37
CA ALA A 141 -7.99 -12.53 -19.65
C ALA A 141 -7.99 -12.15 -21.12
N TRP A 142 -7.97 -13.17 -21.99
CA TRP A 142 -7.86 -13.02 -23.44
C TRP A 142 -9.22 -12.95 -24.17
N ARG A 143 -10.31 -13.02 -23.41
CA ARG A 143 -11.66 -13.17 -23.99
C ARG A 143 -12.14 -12.02 -24.88
N THR A 144 -11.56 -10.83 -24.73
CA THR A 144 -11.96 -9.70 -25.57
C THR A 144 -10.91 -9.35 -26.65
N ASP A 145 -9.84 -10.15 -26.73
CA ASP A 145 -8.68 -9.86 -27.60
C ASP A 145 -9.04 -9.63 -29.08
N PRO A 146 -9.89 -10.50 -29.68
CA PRO A 146 -10.23 -10.35 -31.10
C PRO A 146 -10.79 -8.96 -31.45
N ALA A 147 -11.77 -8.48 -30.67
CA ALA A 147 -12.34 -7.13 -30.85
C ALA A 147 -11.30 -6.04 -30.56
N ALA A 148 -10.52 -6.24 -29.51
CA ALA A 148 -9.44 -5.31 -29.13
C ALA A 148 -8.39 -5.18 -30.24
N SER A 149 -8.00 -6.29 -30.85
CA SER A 149 -7.04 -6.27 -31.97
C SER A 149 -7.59 -5.50 -33.17
N ASP A 150 -8.90 -5.62 -33.39
CA ASP A 150 -9.52 -4.87 -34.48
C ASP A 150 -9.52 -3.39 -34.16
N GLU A 151 -9.86 -3.05 -32.93
CA GLU A 151 -9.97 -1.66 -32.51
C GLU A 151 -8.61 -0.98 -32.62
N LEU A 152 -7.57 -1.70 -32.23
CA LEU A 152 -6.20 -1.18 -32.26
C LEU A 152 -5.42 -1.52 -33.53
N ARG A 153 -6.11 -1.97 -34.57
CA ARG A 153 -5.42 -2.36 -35.80
C ARG A 153 -4.51 -1.23 -36.36
N PRO A 154 -4.97 0.03 -36.37
CA PRO A 154 -4.08 1.12 -36.80
C PRO A 154 -2.79 1.22 -35.98
N GLU A 155 -2.91 1.23 -34.65
CA GLU A 155 -1.76 1.31 -33.75
C GLU A 155 -0.85 0.08 -33.91
N LEU A 156 -1.45 -1.10 -34.05
CA LEU A 156 -0.70 -2.36 -34.18
C LEU A 156 0.09 -2.43 -35.48
N ARG A 157 -0.51 -1.94 -36.57
CA ARG A 157 0.15 -1.89 -37.88
C ARG A 157 1.38 -0.97 -37.86
N ALA A 158 1.22 0.23 -37.31
CA ALA A 158 2.33 1.15 -37.03
C ALA A 158 3.48 0.48 -36.28
N LEU A 159 3.18 -0.58 -35.52
CA LEU A 159 4.20 -1.34 -34.79
C LEU A 159 4.66 -2.60 -35.53
N GLY A 160 4.14 -2.81 -36.74
CA GLY A 160 4.48 -3.98 -37.55
C GLY A 160 3.85 -5.28 -37.06
N LEU A 161 2.69 -5.16 -36.42
CA LEU A 161 1.98 -6.31 -35.86
C LEU A 161 0.58 -6.45 -36.47
N ASP A 162 0.15 -7.70 -36.65
CA ASP A 162 -1.15 -7.99 -37.28
C ASP A 162 -2.31 -8.08 -36.26
N ARG A 163 -1.95 -8.27 -34.99
CA ARG A 163 -2.92 -8.33 -33.90
C ARG A 163 -2.18 -8.05 -32.59
N LEU A 164 -2.88 -8.14 -31.47
CA LEU A 164 -2.24 -7.93 -30.18
C LEU A 164 -1.13 -8.97 -29.98
N PRO A 165 0.07 -8.52 -29.56
CA PRO A 165 1.17 -9.47 -29.38
C PRO A 165 0.92 -10.38 -28.17
N ASP A 166 1.39 -11.62 -28.22
CA ASP A 166 1.37 -12.47 -27.04
C ASP A 166 2.29 -11.82 -25.99
N PRO A 167 1.89 -11.86 -24.71
CA PRO A 167 2.75 -11.30 -23.70
C PRO A 167 4.02 -12.15 -23.50
N ALA A 168 5.10 -11.53 -23.03
CA ALA A 168 6.30 -12.28 -22.68
C ALA A 168 6.03 -13.23 -21.52
N LEU A 169 5.06 -12.88 -20.68
CA LEU A 169 4.64 -13.70 -19.55
C LEU A 169 3.18 -13.42 -19.23
N PHE A 170 2.41 -14.50 -19.03
CA PHE A 170 1.04 -14.38 -18.55
C PHE A 170 1.04 -14.83 -17.09
N VAL A 171 0.59 -13.93 -16.21
CA VAL A 171 0.44 -14.22 -14.78
C VAL A 171 -1.05 -14.41 -14.49
N ASP A 172 -1.41 -15.60 -14.07
CA ASP A 172 -2.81 -15.94 -13.84
C ASP A 172 -3.08 -16.15 -12.36
N ILE A 173 -4.25 -15.72 -11.90
CA ILE A 173 -4.68 -15.87 -10.50
C ILE A 173 -5.90 -16.76 -10.35
N CYS A 174 -6.33 -17.37 -11.46
CA CYS A 174 -7.51 -18.22 -11.45
C CYS A 174 -7.16 -19.57 -10.83
N PRO A 175 -7.91 -19.99 -9.79
CA PRO A 175 -7.69 -21.31 -9.18
C PRO A 175 -7.79 -22.42 -10.24
N PRO A 176 -6.94 -23.46 -10.14
CA PRO A 176 -6.90 -24.54 -11.15
C PRO A 176 -8.27 -25.12 -11.47
N SER A 177 -9.10 -25.31 -10.45
CA SER A 177 -10.46 -25.86 -10.62
C SER A 177 -11.35 -25.02 -11.53
N LEU A 178 -11.02 -23.73 -11.63
CA LEU A 178 -11.84 -22.78 -12.39
C LEU A 178 -11.24 -22.40 -13.74
N ARG A 179 -10.01 -22.84 -14.03
CA ARG A 179 -9.35 -22.51 -15.29
C ARG A 179 -9.92 -23.37 -16.41
N PRO A 180 -10.27 -22.76 -17.55
CA PRO A 180 -10.78 -23.57 -18.66
C PRO A 180 -9.64 -24.37 -19.30
N ALA A 181 -9.99 -25.43 -20.02
CA ALA A 181 -8.99 -26.33 -20.60
C ALA A 181 -8.10 -25.65 -21.63
N ASP A 182 -8.65 -24.68 -22.35
CA ASP A 182 -7.93 -23.96 -23.40
C ASP A 182 -7.10 -22.78 -22.87
N ALA A 183 -7.03 -22.62 -21.55
CA ALA A 183 -6.27 -21.52 -20.97
C ALA A 183 -4.80 -21.64 -21.37
N PRO A 184 -4.18 -20.53 -21.80
CA PRO A 184 -2.77 -20.52 -22.18
C PRO A 184 -1.86 -20.72 -20.98
N PRO A 185 -0.61 -21.20 -21.22
CA PRO A 185 0.34 -21.40 -20.11
C PRO A 185 0.58 -20.10 -19.33
N ALA A 186 0.63 -20.22 -18.02
CA ALA A 186 0.80 -19.06 -17.15
C ALA A 186 1.78 -19.34 -16.04
N GLN A 187 2.34 -18.26 -15.50
CA GLN A 187 2.93 -18.26 -14.17
C GLN A 187 1.77 -18.01 -13.22
N MET A 188 1.44 -19.00 -12.39
CA MET A 188 0.35 -18.87 -11.45
C MET A 188 0.77 -17.96 -10.30
N MET A 189 -0.22 -17.31 -9.69
CA MET A 189 0.01 -16.45 -8.53
C MET A 189 -1.18 -16.47 -7.58
N ARG A 190 -0.88 -16.53 -6.28
CA ARG A 190 -1.88 -16.39 -5.23
C ARG A 190 -2.36 -14.95 -5.14
N TRP A 191 -3.65 -14.77 -5.43
CA TRP A 191 -4.33 -13.49 -5.26
C TRP A 191 -4.45 -13.16 -3.78
N VAL A 192 -4.26 -11.90 -3.44
CA VAL A 192 -4.55 -11.46 -2.07
C VAL A 192 -5.38 -10.18 -2.13
N PRO A 193 -6.22 -9.93 -1.13
CA PRO A 193 -6.98 -8.68 -1.20
C PRO A 193 -6.08 -7.47 -1.02
N ALA A 194 -6.33 -6.42 -1.80
CA ALA A 194 -5.68 -5.13 -1.61
C ALA A 194 -6.68 -4.00 -1.93
N ASN A 195 -7.85 -4.09 -1.31
CA ASN A 195 -8.92 -3.12 -1.59
C ASN A 195 -8.77 -1.82 -0.84
N GLY A 196 -9.53 -0.81 -1.23
CA GLY A 196 -9.55 0.46 -0.51
C GLY A 196 -9.83 0.24 0.96
N GLN A 197 -9.17 1.04 1.79
CA GLN A 197 -9.26 0.91 3.24
C GLN A 197 -9.90 2.11 3.92
N ARG A 198 -10.46 1.86 5.10
CA ARG A 198 -11.10 2.88 5.92
C ARG A 198 -10.72 2.65 7.39
N ARG A 199 -11.09 3.59 8.24
CA ARG A 199 -11.03 3.40 9.68
C ARG A 199 -11.99 2.26 10.00
N LEU A 200 -11.49 1.27 10.71
CA LEU A 200 -12.32 0.13 11.07
C LEU A 200 -13.18 0.40 12.30
N GLU A 201 -14.44 -0.05 12.23
CA GLU A 201 -15.34 -0.05 13.37
C GLU A 201 -15.59 -1.51 13.75
N PRO A 202 -15.89 -1.78 15.04
CA PRO A 202 -15.97 -3.16 15.53
C PRO A 202 -16.93 -4.07 14.74
N TRP A 203 -18.06 -3.54 14.27
CA TRP A 203 -19.06 -4.33 13.56
C TRP A 203 -18.48 -4.99 12.30
N MET A 204 -17.50 -4.32 11.70
CA MET A 204 -16.85 -4.79 10.47
C MET A 204 -16.09 -6.09 10.63
N TYR A 205 -15.45 -6.29 11.77
CA TYR A 205 -14.63 -7.50 12.01
C TYR A 205 -15.18 -8.40 13.12
N THR A 206 -16.34 -8.05 13.65
CA THR A 206 -16.97 -8.88 14.69
C THR A 206 -18.13 -9.65 14.07
N LYS A 207 -18.11 -10.98 14.26
CA LYS A 207 -19.23 -11.83 13.90
C LYS A 207 -20.42 -11.59 14.81
N GLY A 208 -21.58 -11.33 14.22
CA GLY A 208 -22.81 -11.09 14.99
C GLY A 208 -23.42 -12.36 15.54
N ASN A 209 -24.53 -12.20 16.26
CA ASN A 209 -25.30 -13.33 16.83
C ASN A 209 -26.21 -14.02 15.82
N ARG A 210 -26.32 -13.44 14.63
CA ARG A 210 -27.12 -13.99 13.53
C ARG A 210 -26.28 -14.00 12.25
N PRO A 211 -26.60 -14.89 11.29
CA PRO A 211 -25.90 -14.89 10.00
C PRO A 211 -25.87 -13.51 9.34
N ARG A 212 -24.79 -13.23 8.60
CA ARG A 212 -24.62 -11.93 8.01
C ARG A 212 -24.49 -12.06 6.50
N ILE A 213 -25.33 -11.30 5.78
CA ILE A 213 -25.30 -11.28 4.34
C ILE A 213 -24.76 -9.92 3.90
N LEU A 214 -23.69 -9.97 3.11
CA LEU A 214 -23.13 -8.76 2.55
C LEU A 214 -23.67 -8.58 1.13
N VAL A 215 -24.21 -7.40 0.87
CA VAL A 215 -24.66 -7.06 -0.47
C VAL A 215 -23.80 -5.92 -0.98
N THR A 216 -23.30 -6.06 -2.20
CA THR A 216 -22.49 -5.03 -2.83
C THR A 216 -22.87 -4.88 -4.30
N SER A 217 -22.65 -3.70 -4.86
CA SER A 217 -22.74 -3.52 -6.32
C SER A 217 -21.37 -3.15 -6.92
N GLY A 218 -20.34 -3.15 -6.09
CA GLY A 218 -18.95 -2.94 -6.52
C GLY A 218 -18.52 -1.48 -6.60
N ALA A 239 -37.12 -12.02 6.01
CA ALA A 239 -37.55 -13.39 5.80
C ALA A 239 -36.54 -14.36 6.40
N LEU A 240 -35.29 -14.24 5.96
CA LEU A 240 -34.19 -15.05 6.46
C LEU A 240 -33.77 -14.55 7.83
N ASP A 241 -33.34 -15.46 8.68
CA ASP A 241 -32.80 -15.09 9.97
C ASP A 241 -31.37 -14.56 9.79
N ALA A 242 -31.26 -13.35 9.23
CA ALA A 242 -29.96 -12.75 8.94
C ALA A 242 -29.94 -11.22 8.90
N GLU A 243 -28.76 -10.65 9.11
CA GLU A 243 -28.51 -9.22 8.95
C GLU A 243 -28.00 -8.92 7.54
N VAL A 244 -28.40 -7.77 7.01
CA VAL A 244 -27.92 -7.34 5.71
C VAL A 244 -27.03 -6.10 5.84
N VAL A 245 -25.81 -6.24 5.35
CA VAL A 245 -24.85 -5.14 5.30
C VAL A 245 -24.64 -4.77 3.84
N ILE A 246 -24.75 -3.47 3.53
CA ILE A 246 -24.59 -2.97 2.17
C ILE A 246 -23.22 -2.34 1.98
N ALA A 247 -22.40 -2.96 1.12
CA ALA A 247 -21.10 -2.42 0.77
C ALA A 247 -21.23 -1.61 -0.52
N THR A 248 -21.08 -0.29 -0.39
CA THR A 248 -21.26 0.60 -1.53
C THR A 248 -20.32 1.80 -1.43
N LEU A 249 -20.30 2.62 -2.48
CA LEU A 249 -19.56 3.89 -2.46
C LEU A 249 -20.13 4.80 -1.38
N ASP A 250 -19.26 5.52 -0.67
CA ASP A 250 -19.67 6.41 0.42
C ASP A 250 -20.63 7.50 -0.08
N GLU A 251 -20.28 8.09 -1.23
CA GLU A 251 -21.13 9.06 -1.93
C GLU A 251 -22.57 8.52 -2.09
N VAL A 252 -22.70 7.25 -2.46
CA VAL A 252 -24.01 6.61 -2.66
C VAL A 252 -24.70 6.32 -1.33
N ALA A 253 -23.90 5.93 -0.33
CA ALA A 253 -24.44 5.50 0.97
C ALA A 253 -25.19 6.60 1.72
N GLU A 254 -24.77 7.85 1.54
CA GLU A 254 -25.45 9.00 2.17
C GLU A 254 -26.92 9.06 1.78
N GLU A 255 -27.20 8.98 0.48
CA GLU A 255 -28.58 9.00 -0.04
C GLU A 255 -29.34 7.71 0.28
N LEU A 256 -28.61 6.60 0.32
CA LEU A 256 -29.16 5.29 0.64
C LEU A 256 -29.60 5.23 2.10
N ARG A 257 -28.87 5.94 2.96
CA ARG A 257 -29.12 5.97 4.40
C ARG A 257 -30.48 6.60 4.77
N THR A 258 -30.96 7.51 3.93
CA THR A 258 -32.25 8.17 4.12
C THR A 258 -33.42 7.21 3.83
N GLU A 259 -33.26 6.43 2.75
CA GLU A 259 -34.28 5.49 2.31
C GLU A 259 -34.29 4.19 3.13
N LEU A 260 -33.13 3.82 3.68
CA LEU A 260 -33.01 2.63 4.53
C LEU A 260 -32.25 2.93 5.84
N PRO A 261 -32.95 3.55 6.82
CA PRO A 261 -32.35 4.06 8.05
C PRO A 261 -31.57 3.05 8.91
N GLY A 262 -32.12 1.85 9.13
CA GLY A 262 -31.52 0.91 10.08
C GLY A 262 -30.59 -0.15 9.51
N VAL A 263 -29.97 0.16 8.37
CA VAL A 263 -29.12 -0.80 7.65
C VAL A 263 -27.73 -0.21 7.38
N ARG A 264 -26.68 -0.95 7.78
CA ARG A 264 -25.29 -0.61 7.48
C ARG A 264 -25.09 -0.42 5.98
N ALA A 265 -24.63 0.77 5.60
CA ALA A 265 -24.33 1.09 4.20
C ALA A 265 -23.17 2.07 4.11
N GLY A 266 -22.23 1.77 3.24
CA GLY A 266 -21.01 2.58 3.07
C GLY A 266 -19.88 1.73 2.56
N TRP A 267 -18.73 2.34 2.26
CA TRP A 267 -17.56 1.59 1.84
C TRP A 267 -17.02 0.85 3.05
N VAL A 268 -17.04 -0.48 2.98
CA VAL A 268 -16.46 -1.31 4.04
C VAL A 268 -15.39 -2.18 3.37
N PRO A 269 -14.13 -2.15 3.88
CA PRO A 269 -13.09 -2.91 3.20
C PRO A 269 -13.47 -4.38 3.15
N LEU A 270 -13.59 -4.92 1.93
CA LEU A 270 -14.14 -6.26 1.74
C LEU A 270 -13.28 -7.34 2.38
N ASP A 271 -11.96 -7.17 2.32
CA ASP A 271 -11.06 -8.13 2.95
C ASP A 271 -11.32 -8.27 4.46
N VAL A 272 -11.73 -7.17 5.09
CA VAL A 272 -12.03 -7.18 6.54
C VAL A 272 -13.38 -7.82 6.84
N VAL A 273 -14.42 -7.41 6.12
CA VAL A 273 -15.80 -7.81 6.46
C VAL A 273 -16.23 -9.23 6.00
N VAL A 274 -15.76 -9.65 4.83
CA VAL A 274 -16.12 -10.95 4.24
C VAL A 274 -15.91 -12.16 5.17
N PRO A 275 -14.77 -12.24 5.91
CA PRO A 275 -14.67 -13.35 6.88
C PRO A 275 -15.79 -13.42 7.92
N THR A 276 -16.50 -12.31 8.15
CA THR A 276 -17.63 -12.31 9.10
C THR A 276 -18.98 -12.71 8.44
N CYS A 277 -18.95 -12.90 7.13
CA CYS A 277 -20.17 -13.15 6.34
C CYS A 277 -20.45 -14.62 6.04
N ASP A 278 -21.73 -14.96 6.02
CA ASP A 278 -22.23 -16.26 5.58
C ASP A 278 -22.44 -16.30 4.06
N VAL A 279 -22.80 -15.16 3.48
CA VAL A 279 -23.03 -15.04 2.04
C VAL A 279 -22.54 -13.69 1.56
N VAL A 280 -21.98 -13.65 0.36
CA VAL A 280 -21.65 -12.41 -0.32
C VAL A 280 -22.52 -12.34 -1.57
N VAL A 281 -23.38 -11.32 -1.63
CA VAL A 281 -24.24 -11.10 -2.80
C VAL A 281 -23.64 -10.00 -3.67
N HIS A 282 -23.42 -10.29 -4.95
CA HIS A 282 -22.87 -9.29 -5.86
C HIS A 282 -23.38 -9.35 -7.30
N HIS A 283 -22.90 -8.37 -8.07
CA HIS A 283 -23.40 -7.99 -9.38
C HIS A 283 -22.66 -8.72 -10.51
N ALA A 284 -21.74 -9.60 -10.12
CA ALA A 284 -20.78 -10.28 -11.01
C ALA A 284 -19.43 -9.57 -11.00
N GLY A 285 -19.09 -8.96 -9.88
CA GLY A 285 -17.80 -8.30 -9.71
C GLY A 285 -16.69 -9.32 -9.56
N GLY A 286 -15.72 -9.29 -10.47
CA GLY A 286 -14.60 -10.24 -10.46
C GLY A 286 -13.81 -10.29 -9.17
N VAL A 287 -13.45 -9.11 -8.66
CA VAL A 287 -12.63 -9.04 -7.44
C VAL A 287 -13.42 -9.36 -6.16
N THR A 288 -14.71 -9.01 -6.13
CA THR A 288 -15.62 -9.43 -5.05
C THR A 288 -15.70 -10.96 -5.01
N ALA A 289 -15.81 -11.58 -6.19
CA ALA A 289 -15.84 -13.04 -6.30
C ALA A 289 -14.58 -13.66 -5.70
N LEU A 290 -13.42 -13.09 -6.02
CA LEU A 290 -12.13 -13.54 -5.47
C LEU A 290 -12.06 -13.37 -3.95
N THR A 291 -12.52 -12.23 -3.45
CA THR A 291 -12.55 -11.98 -2.00
C THR A 291 -13.38 -13.04 -1.27
N ALA A 292 -14.57 -13.33 -1.79
CA ALA A 292 -15.44 -14.34 -1.19
C ALA A 292 -14.78 -15.74 -1.20
N MET A 293 -14.36 -16.19 -2.39
CA MET A 293 -13.66 -17.47 -2.56
C MET A 293 -12.45 -17.60 -1.61
N ASN A 294 -11.60 -16.58 -1.60
CA ASN A 294 -10.41 -16.52 -0.76
C ASN A 294 -10.72 -16.71 0.72
N ALA A 295 -11.87 -16.17 1.15
CA ALA A 295 -12.29 -16.25 2.55
C ALA A 295 -13.07 -17.54 2.85
N GLY A 296 -13.41 -18.29 1.81
CA GLY A 296 -14.21 -19.52 1.96
C GLY A 296 -15.70 -19.28 2.15
N VAL A 297 -16.19 -18.18 1.59
CA VAL A 297 -17.58 -17.77 1.79
C VAL A 297 -18.41 -18.00 0.53
N PRO A 298 -19.56 -18.70 0.65
CA PRO A 298 -20.49 -18.89 -0.47
C PRO A 298 -20.93 -17.56 -1.06
N GLN A 299 -21.23 -17.53 -2.35
CA GLN A 299 -21.61 -16.28 -2.98
C GLN A 299 -22.82 -16.40 -3.90
N LEU A 300 -23.60 -15.32 -3.96
CA LEU A 300 -24.77 -15.22 -4.82
C LEU A 300 -24.47 -14.19 -5.89
N ILE A 301 -24.53 -14.63 -7.15
CA ILE A 301 -24.25 -13.73 -8.26
C ILE A 301 -25.57 -13.35 -8.92
N VAL A 302 -25.83 -12.04 -9.00
CA VAL A 302 -27.04 -11.48 -9.61
C VAL A 302 -26.62 -10.67 -10.84
N PRO A 303 -26.85 -11.23 -12.05
CA PRO A 303 -26.28 -10.66 -13.29
C PRO A 303 -26.72 -9.22 -13.55
N GLN A 304 -25.75 -8.30 -13.56
CA GLN A 304 -26.01 -6.89 -13.85
C GLN A 304 -25.07 -6.44 -14.97
N GLY A 305 -25.32 -6.97 -16.18
CA GLY A 305 -24.42 -6.77 -17.32
C GLY A 305 -23.02 -7.30 -17.05
N GLY A 306 -22.03 -6.70 -17.72
CA GLY A 306 -20.62 -7.09 -17.55
C GLY A 306 -20.25 -8.37 -18.27
N ASN A 307 -18.95 -8.63 -18.39
CA ASN A 307 -18.47 -9.87 -19.04
C ASN A 307 -17.98 -10.92 -18.06
N PHE A 308 -18.01 -10.58 -16.77
CA PHE A 308 -17.62 -11.53 -15.72
C PHE A 308 -18.73 -12.54 -15.42
N VAL A 309 -19.90 -12.40 -16.06
CA VAL A 309 -20.97 -13.38 -15.92
C VAL A 309 -20.45 -14.82 -16.05
N GLU A 310 -19.63 -15.05 -17.07
CA GLU A 310 -19.09 -16.38 -17.41
C GLU A 310 -18.20 -16.99 -16.32
N ALA A 311 -17.31 -16.18 -15.77
CA ALA A 311 -16.46 -16.57 -14.65
C ALA A 311 -17.29 -16.91 -13.41
N GLY A 312 -18.38 -16.14 -13.18
CA GLY A 312 -19.33 -16.42 -12.12
C GLY A 312 -20.03 -17.76 -12.26
N LEU A 313 -20.40 -18.09 -13.50
CA LEU A 313 -21.03 -19.38 -13.84
C LEU A 313 -20.13 -20.57 -13.49
N ARG A 314 -18.82 -20.41 -13.71
CA ARG A 314 -17.83 -21.43 -13.37
C ARG A 314 -17.77 -21.68 -11.86
N ILE A 315 -17.79 -20.60 -11.07
CA ILE A 315 -17.82 -20.72 -9.61
C ILE A 315 -19.10 -21.43 -9.14
N SER A 316 -20.22 -21.13 -9.79
CA SER A 316 -21.51 -21.74 -9.47
C SER A 316 -21.48 -23.22 -9.84
N ASP A 317 -20.99 -23.51 -11.04
CA ASP A 317 -20.91 -24.88 -11.51
C ASP A 317 -19.94 -25.73 -10.69
N PHE A 318 -18.90 -25.11 -10.14
CA PHE A 318 -18.01 -25.78 -9.17
C PHE A 318 -18.74 -26.09 -7.85
N GLY A 319 -19.75 -25.29 -7.52
CA GLY A 319 -20.58 -25.52 -6.34
C GLY A 319 -20.33 -24.55 -5.20
N ALA A 320 -19.57 -23.49 -5.46
CA ALA A 320 -19.20 -22.52 -4.43
C ALA A 320 -20.05 -21.24 -4.53
N ALA A 321 -21.02 -21.25 -5.43
CA ALA A 321 -21.89 -20.10 -5.70
C ALA A 321 -23.23 -20.53 -6.29
N ILE A 322 -24.21 -19.62 -6.25
CA ILE A 322 -25.43 -19.74 -7.07
C ILE A 322 -25.52 -18.49 -7.94
N THR A 323 -25.74 -18.68 -9.23
CA THR A 323 -26.08 -17.57 -10.12
C THR A 323 -27.57 -17.67 -10.40
N VAL A 324 -28.31 -16.62 -10.06
CA VAL A 324 -29.77 -16.59 -10.24
C VAL A 324 -30.15 -16.08 -11.63
N ASP A 325 -31.33 -16.51 -12.08
CA ASP A 325 -31.90 -16.07 -13.36
C ASP A 325 -32.33 -14.61 -13.35
N GLU A 326 -33.15 -14.24 -12.37
CA GLU A 326 -33.74 -12.91 -12.35
C GLU A 326 -33.22 -12.07 -11.19
N ASN A 327 -33.06 -10.78 -11.46
CA ASN A 327 -32.82 -9.79 -10.42
C ASN A 327 -34.15 -9.46 -9.72
N THR A 328 -34.44 -10.21 -8.66
CA THR A 328 -35.68 -10.05 -7.89
C THR A 328 -35.35 -10.19 -6.40
N PRO A 329 -36.02 -9.39 -5.54
CA PRO A 329 -35.92 -9.67 -4.10
C PRO A 329 -36.30 -11.12 -3.79
N GLU A 330 -37.29 -11.65 -4.54
CA GLU A 330 -37.76 -13.03 -4.42
C GLU A 330 -36.70 -14.09 -4.75
N ALA A 331 -36.13 -14.00 -5.96
CA ALA A 331 -35.16 -14.99 -6.43
C ALA A 331 -33.87 -15.00 -5.60
N VAL A 332 -33.43 -13.80 -5.21
CA VAL A 332 -32.25 -13.63 -4.36
C VAL A 332 -32.47 -14.28 -2.98
N GLU A 333 -33.65 -14.08 -2.40
CA GLU A 333 -33.98 -14.61 -1.08
C GLU A 333 -33.86 -16.14 -0.97
N LYS A 334 -34.46 -16.84 -1.92
CA LYS A 334 -34.38 -18.30 -2.00
C LYS A 334 -32.91 -18.80 -2.13
N ALA A 335 -32.12 -18.11 -2.95
CA ALA A 335 -30.72 -18.48 -3.12
C ALA A 335 -29.90 -18.29 -1.84
N CYS A 336 -30.13 -17.17 -1.14
CA CYS A 336 -29.47 -16.90 0.15
C CYS A 336 -29.74 -17.99 1.17
N GLY A 337 -31.01 -18.41 1.25
CA GLY A 337 -31.42 -19.52 2.11
C GLY A 337 -30.71 -20.83 1.77
N GLU A 338 -30.44 -21.03 0.48
CA GLU A 338 -29.74 -22.21 0.00
C GLU A 338 -28.25 -22.19 0.34
N LEU A 339 -27.63 -21.03 0.19
CA LEU A 339 -26.19 -20.85 0.45
C LEU A 339 -25.83 -20.90 1.92
N ILE A 340 -26.76 -20.47 2.78
CA ILE A 340 -26.62 -20.57 4.23
C ILE A 340 -26.92 -21.99 4.74
N GLY A 341 -28.05 -22.55 4.29
CA GLY A 341 -28.61 -23.77 4.87
C GLY A 341 -28.10 -25.12 4.37
N ASN A 342 -27.47 -25.12 3.20
CA ASN A 342 -26.90 -26.35 2.64
C ASN A 342 -25.37 -26.27 2.75
N PRO A 343 -24.76 -27.15 3.58
CA PRO A 343 -23.33 -27.02 3.93
C PRO A 343 -22.36 -27.16 2.76
N SER A 344 -22.83 -27.71 1.65
CA SER A 344 -21.98 -27.97 0.49
C SER A 344 -21.37 -26.71 -0.14
N TYR A 345 -22.13 -25.62 -0.18
CA TYR A 345 -21.63 -24.39 -0.83
C TYR A 345 -20.42 -23.82 -0.13
N ALA A 346 -20.45 -23.80 1.21
CA ALA A 346 -19.32 -23.35 2.01
C ALA A 346 -18.14 -24.31 1.88
N GLU A 347 -18.45 -25.61 1.76
CA GLU A 347 -17.42 -26.62 1.52
C GLU A 347 -16.64 -26.36 0.24
N ARG A 348 -17.33 -26.15 -0.88
CA ARG A 348 -16.65 -25.87 -2.14
C ARG A 348 -15.90 -24.54 -2.08
N ALA A 349 -16.45 -23.57 -1.35
CA ALA A 349 -15.82 -22.26 -1.21
C ALA A 349 -14.49 -22.36 -0.45
N ARG A 350 -14.45 -23.17 0.59
CA ARG A 350 -13.20 -23.40 1.32
C ARG A 350 -12.18 -24.16 0.48
N GLU A 351 -12.68 -25.05 -0.38
CA GLU A 351 -11.86 -25.79 -1.34
C GLU A 351 -11.16 -24.81 -2.27
N LEU A 352 -11.90 -23.83 -2.78
CA LEU A 352 -11.32 -22.78 -3.63
C LEU A 352 -10.33 -21.92 -2.88
N SER A 353 -10.64 -21.58 -1.63
CA SER A 353 -9.70 -20.87 -0.79
C SER A 353 -8.37 -21.62 -0.67
N ALA A 354 -8.43 -22.94 -0.48
CA ALA A 354 -7.22 -23.75 -0.33
C ALA A 354 -6.41 -23.78 -1.64
N GLU A 355 -7.09 -23.91 -2.77
CA GLU A 355 -6.42 -23.82 -4.07
C GLU A 355 -5.70 -22.49 -4.24
N ILE A 356 -6.35 -21.40 -3.85
CA ILE A 356 -5.74 -20.07 -3.95
C ILE A 356 -4.49 -20.02 -3.05
N ALA A 357 -4.59 -20.57 -1.84
CA ALA A 357 -3.52 -20.56 -0.83
C ALA A 357 -2.27 -21.36 -1.27
N ALA A 358 -2.46 -22.30 -2.19
CA ALA A 358 -1.39 -23.18 -2.68
C ALA A 358 -0.60 -22.57 -3.86
N LEU A 359 -1.10 -21.48 -4.42
CA LEU A 359 -0.42 -20.84 -5.57
C LEU A 359 0.80 -19.99 -5.18
N PRO A 360 1.76 -19.76 -6.12
CA PRO A 360 2.97 -18.98 -5.81
C PRO A 360 2.68 -17.57 -5.31
N LEU A 361 3.37 -17.17 -4.26
CA LEU A 361 3.15 -15.85 -3.66
C LEU A 361 3.59 -14.74 -4.60
N PRO A 362 2.93 -13.57 -4.52
CA PRO A 362 3.37 -12.43 -5.30
C PRO A 362 4.86 -12.12 -5.10
N ALA A 363 5.37 -12.27 -3.87
CA ALA A 363 6.82 -12.09 -3.62
C ALA A 363 7.70 -12.99 -4.51
N GLU A 364 7.28 -14.24 -4.71
CA GLU A 364 7.99 -15.17 -5.58
C GLU A 364 7.83 -14.80 -7.04
N VAL A 365 6.63 -14.35 -7.42
CA VAL A 365 6.37 -14.01 -8.82
C VAL A 365 7.21 -12.82 -9.29
N VAL A 366 7.59 -11.92 -8.37
CA VAL A 366 8.50 -10.80 -8.70
C VAL A 366 9.79 -11.35 -9.36
N GLY A 367 10.23 -12.53 -8.90
CA GLY A 367 11.36 -13.21 -9.50
C GLY A 367 11.17 -13.54 -10.97
N ALA A 368 9.92 -13.79 -11.40
CA ALA A 368 9.66 -14.10 -12.82
C ALA A 368 9.78 -12.83 -13.66
N LEU A 369 9.42 -11.70 -13.07
CA LEU A 369 9.52 -10.40 -13.75
C LEU A 369 11.00 -10.07 -13.95
N GLU A 370 11.80 -10.23 -12.90
CA GLU A 370 13.25 -10.02 -12.95
C GLU A 370 13.91 -10.89 -14.01
N GLY A 371 13.47 -12.14 -14.11
CA GLY A 371 14.01 -13.10 -15.07
C GLY A 371 13.83 -12.70 -16.53
N LEU A 372 12.80 -11.91 -16.79
CA LEU A 372 12.48 -11.44 -18.15
C LEU A 372 13.44 -10.38 -18.68
N VAL A 373 14.11 -9.67 -17.77
CA VAL A 373 15.05 -8.61 -18.18
C VAL A 373 16.51 -8.95 -17.86
N GLU A 374 16.75 -10.11 -17.25
CA GLU A 374 18.11 -10.52 -16.90
C GLU A 374 18.52 -11.75 -17.69
N MET B 1 -2.06 -16.11 9.31
CA MET B 1 -2.20 -15.68 10.72
C MET B 1 -2.66 -14.20 10.79
N LYS B 2 -3.09 -13.78 11.97
CA LYS B 2 -3.47 -12.38 12.19
C LYS B 2 -2.28 -11.63 12.84
N ILE B 3 -1.91 -10.50 12.26
CA ILE B 3 -0.78 -9.69 12.74
C ILE B 3 -1.24 -8.26 12.95
N LEU B 4 -1.10 -7.77 14.17
CA LEU B 4 -1.37 -6.38 14.51
C LEU B 4 -0.08 -5.57 14.50
N PHE B 5 -0.07 -4.53 13.68
CA PHE B 5 1.03 -3.57 13.68
C PHE B 5 0.64 -2.34 14.48
N VAL B 6 1.58 -1.76 15.20
CA VAL B 6 1.30 -0.58 16.01
C VAL B 6 2.27 0.54 15.65
N ALA B 7 1.74 1.54 14.95
CA ALA B 7 2.46 2.76 14.67
C ALA B 7 2.21 3.76 15.79
N ALA B 8 2.60 5.01 15.59
CA ALA B 8 2.60 5.95 16.70
C ALA B 8 1.77 7.21 16.44
N GLY B 9 2.44 8.37 16.41
CA GLY B 9 1.75 9.63 16.29
C GLY B 9 2.05 10.46 15.05
N SER B 10 2.97 9.97 14.21
CA SER B 10 3.44 10.73 13.03
C SER B 10 3.47 9.86 11.77
N PRO B 11 3.30 10.48 10.58
CA PRO B 11 3.19 9.69 9.36
C PRO B 11 4.41 8.79 9.12
N ALA B 12 5.61 9.29 9.48
CA ALA B 12 6.83 8.54 9.31
C ALA B 12 6.78 7.17 9.98
N THR B 13 6.07 7.06 11.11
CA THR B 13 5.99 5.79 11.83
C THR B 13 5.11 4.76 11.09
N VAL B 14 4.12 5.26 10.35
CA VAL B 14 3.24 4.41 9.53
C VAL B 14 4.02 3.95 8.32
N PHE B 15 4.68 4.89 7.64
CA PHE B 15 5.48 4.60 6.45
C PHE B 15 6.59 3.57 6.73
N ALA B 16 7.25 3.70 7.87
CA ALA B 16 8.37 2.81 8.23
C ALA B 16 7.92 1.35 8.41
N LEU B 17 6.67 1.15 8.82
CA LEU B 17 6.15 -0.18 9.11
C LEU B 17 5.36 -0.75 7.92
N ALA B 18 4.99 0.12 6.98
CA ALA B 18 4.16 -0.30 5.83
C ALA B 18 4.81 -1.39 4.93
N PRO B 19 6.14 -1.33 4.69
CA PRO B 19 6.72 -2.41 3.86
C PRO B 19 6.52 -3.82 4.44
N LEU B 20 6.84 -4.01 5.72
CA LEU B 20 6.65 -5.32 6.35
C LEU B 20 5.17 -5.67 6.49
N ALA B 21 4.34 -4.69 6.82
CA ALA B 21 2.89 -4.93 6.90
C ALA B 21 2.31 -5.42 5.56
N THR B 22 2.71 -4.78 4.47
CA THR B 22 2.19 -5.19 3.16
C THR B 22 2.85 -6.47 2.65
N ALA B 23 4.12 -6.71 3.02
CA ALA B 23 4.74 -8.00 2.71
C ALA B 23 3.97 -9.12 3.42
N ALA B 24 3.56 -8.88 4.67
CA ALA B 24 2.77 -9.87 5.41
C ALA B 24 1.41 -10.15 4.75
N ARG B 25 0.75 -9.09 4.30
CA ARG B 25 -0.54 -9.20 3.60
C ARG B 25 -0.36 -9.92 2.24
N ASN B 26 0.67 -9.52 1.50
CA ASN B 26 1.05 -10.21 0.25
C ASN B 26 1.33 -11.70 0.44
N ALA B 27 1.58 -12.13 1.67
CA ALA B 27 1.89 -13.53 1.95
C ALA B 27 0.69 -14.31 2.49
N GLY B 28 -0.48 -13.66 2.55
CA GLY B 28 -1.72 -14.32 2.95
C GLY B 28 -2.16 -14.05 4.37
N HIS B 29 -1.40 -13.26 5.10
CA HIS B 29 -1.77 -12.93 6.47
C HIS B 29 -2.81 -11.83 6.53
N ASP B 30 -3.58 -11.81 7.61
CA ASP B 30 -4.55 -10.76 7.87
C ASP B 30 -3.91 -9.73 8.77
N VAL B 31 -3.80 -8.52 8.24
CA VAL B 31 -2.99 -7.48 8.86
C VAL B 31 -3.85 -6.24 9.17
N PHE B 32 -3.81 -5.78 10.42
CA PHE B 32 -4.39 -4.53 10.88
C PHE B 32 -3.23 -3.66 11.38
N MET B 33 -3.34 -2.36 11.20
CA MET B 33 -2.39 -1.43 11.79
C MET B 33 -3.10 -0.39 12.63
N GLY B 34 -2.56 -0.13 13.83
CA GLY B 34 -3.11 0.88 14.72
C GLY B 34 -2.23 2.12 14.82
N ALA B 35 -2.88 3.25 15.08
CA ALA B 35 -2.21 4.53 15.36
C ALA B 35 -3.25 5.52 15.90
N VAL B 36 -2.76 6.66 16.39
CA VAL B 36 -3.67 7.71 16.86
C VAL B 36 -4.65 8.06 15.72
N GLU B 37 -5.84 8.51 16.10
CA GLU B 37 -6.91 8.83 15.13
C GLU B 37 -6.41 9.65 13.92
N ASP B 38 -5.58 10.67 14.19
CA ASP B 38 -5.06 11.57 13.15
C ASP B 38 -4.21 10.84 12.11
N MET B 39 -3.59 9.72 12.51
CA MET B 39 -2.76 8.94 11.62
C MET B 39 -3.53 7.88 10.82
N VAL B 40 -4.77 7.64 11.22
CA VAL B 40 -5.57 6.61 10.57
C VAL B 40 -5.68 6.78 9.05
N PRO B 41 -5.88 8.02 8.53
CA PRO B 41 -5.90 8.20 7.07
C PRO B 41 -4.60 7.79 6.37
N TYR B 42 -3.46 7.99 7.03
CA TYR B 42 -2.16 7.57 6.49
C TYR B 42 -2.04 6.04 6.40
N ILE B 43 -2.52 5.35 7.42
CA ILE B 43 -2.60 3.89 7.38
C ILE B 43 -3.50 3.42 6.23
N ALA B 44 -4.71 3.96 6.17
CA ALA B 44 -5.67 3.63 5.10
C ALA B 44 -5.07 3.87 3.71
N SER B 45 -4.39 5.01 3.53
CA SER B 45 -3.79 5.35 2.23
C SER B 45 -2.47 4.65 1.94
N ALA B 46 -2.03 3.79 2.87
CA ALA B 46 -0.94 2.86 2.62
C ALA B 46 -1.52 1.50 2.22
N GLY B 47 -2.85 1.43 2.13
CA GLY B 47 -3.51 0.19 1.69
C GLY B 47 -3.67 -0.84 2.80
N ILE B 48 -3.61 -0.40 4.06
CA ILE B 48 -3.71 -1.29 5.22
C ILE B 48 -4.94 -0.99 6.07
N PRO B 49 -5.70 -2.04 6.52
CA PRO B 49 -6.82 -1.81 7.45
C PRO B 49 -6.34 -1.06 8.69
N ALA B 50 -7.11 -0.04 9.08
CA ALA B 50 -6.64 0.98 10.02
C ALA B 50 -7.52 1.07 11.25
N VAL B 51 -6.91 0.86 12.42
CA VAL B 51 -7.61 1.10 13.70
C VAL B 51 -7.02 2.24 14.53
N ALA B 52 -7.89 2.98 15.20
CA ALA B 52 -7.49 4.10 16.06
C ALA B 52 -7.08 3.59 17.43
N THR B 53 -5.89 3.97 17.89
CA THR B 53 -5.43 3.58 19.23
C THR B 53 -5.92 4.54 20.29
N THR B 54 -6.17 5.78 19.87
CA THR B 54 -6.73 6.80 20.75
C THR B 54 -7.37 7.86 19.86
N ASP B 55 -8.28 8.64 20.42
CA ASP B 55 -8.86 9.74 19.66
C ASP B 55 -8.11 11.05 19.89
N LEU B 56 -7.00 10.99 20.64
CA LEU B 56 -6.23 12.18 20.95
C LEU B 56 -5.03 12.31 20.03
N PRO B 57 -4.65 13.55 19.66
CA PRO B 57 -3.48 13.74 18.81
C PRO B 57 -2.17 13.55 19.60
N ILE B 58 -1.07 13.35 18.89
CA ILE B 58 0.25 13.22 19.51
C ILE B 58 0.64 14.47 20.33
N ARG B 59 0.18 15.65 19.89
CA ARG B 59 0.40 16.88 20.64
C ARG B 59 -0.12 16.78 22.08
N HIS B 60 -1.22 16.06 22.28
CA HIS B 60 -1.77 15.87 23.61
C HIS B 60 -0.75 15.19 24.55
N PHE B 61 -0.12 14.13 24.05
CA PHE B 61 0.81 13.34 24.84
C PHE B 61 2.16 14.05 25.03
N ILE B 62 2.55 14.80 24.01
CA ILE B 62 3.78 15.61 24.03
C ILE B 62 3.71 16.75 25.06
N THR B 63 2.60 17.49 25.08
CA THR B 63 2.53 18.74 25.82
C THR B 63 1.92 18.65 27.21
N MET B 64 1.37 17.51 27.59
CA MET B 64 0.71 17.40 28.90
C MET B 64 1.05 16.07 29.56
N ASP B 65 1.17 16.07 30.89
CA ASP B 65 1.30 14.79 31.63
C ASP B 65 -0.03 14.05 31.72
N ARG B 66 -0.05 12.94 32.46
CA ARG B 66 -1.25 12.13 32.60
C ARG B 66 -2.42 12.86 33.27
N GLU B 67 -2.12 13.86 34.11
CA GLU B 67 -3.11 14.65 34.82
C GLU B 67 -3.56 15.88 34.02
N GLY B 68 -2.98 16.09 32.84
CA GLY B 68 -3.33 17.22 31.99
C GLY B 68 -2.50 18.47 32.23
N ASN B 69 -1.55 18.40 33.16
CA ASN B 69 -0.69 19.55 33.43
C ASN B 69 0.33 19.72 32.34
N PRO B 70 0.63 20.97 31.97
CA PRO B 70 1.59 21.23 30.89
C PRO B 70 3.00 20.73 31.21
N VAL B 71 3.65 20.21 30.20
CA VAL B 71 5.05 19.77 30.25
C VAL B 71 5.81 20.63 29.23
N ARG B 72 6.96 21.17 29.61
CA ARG B 72 7.78 21.98 28.68
C ARG B 72 8.50 21.13 27.63
N MET B 73 8.91 21.77 26.54
CA MET B 73 9.72 21.10 25.53
C MET B 73 11.16 20.96 26.05
N PRO B 74 11.89 19.95 25.57
CA PRO B 74 13.29 19.76 25.94
C PRO B 74 14.17 20.86 25.34
N GLU B 75 15.21 21.25 26.07
CA GLU B 75 16.11 22.30 25.60
C GLU B 75 17.46 21.75 25.12
N THR B 76 17.80 20.55 25.59
CA THR B 76 19.10 19.95 25.31
C THR B 76 18.93 18.60 24.61
N PRO B 77 19.95 18.14 23.86
CA PRO B 77 19.91 16.81 23.26
C PRO B 77 19.60 15.70 24.28
N GLU B 78 20.16 15.83 25.48
CA GLU B 78 19.96 14.85 26.57
C GLU B 78 18.52 14.85 27.07
N GLU B 79 17.95 16.04 27.23
CA GLU B 79 16.56 16.18 27.60
C GLU B 79 15.61 15.58 26.56
N GLU B 80 16.00 15.60 25.28
CA GLU B 80 15.17 15.09 24.19
C GLU B 80 14.81 13.60 24.34
N LEU B 81 15.80 12.79 24.72
CA LEU B 81 15.61 11.35 24.83
C LEU B 81 14.69 11.02 25.99
N ASP B 82 14.90 11.71 27.11
CA ASP B 82 14.08 11.54 28.30
C ASP B 82 12.63 12.00 28.06
N PHE B 83 12.48 13.23 27.59
CA PHE B 83 11.19 13.78 27.19
C PHE B 83 10.44 12.86 26.22
N ALA B 84 11.13 12.33 25.21
CA ALA B 84 10.48 11.44 24.23
C ALA B 84 10.04 10.13 24.86
N GLY B 85 10.86 9.58 25.74
CA GLY B 85 10.50 8.37 26.47
C GLY B 85 9.19 8.56 27.20
N HIS B 86 9.05 9.69 27.88
CA HIS B 86 7.82 9.98 28.60
C HIS B 86 6.58 10.18 27.74
N TRP B 87 6.67 10.93 26.64
CA TRP B 87 5.44 11.14 25.84
C TRP B 87 5.05 9.94 25.02
N PHE B 88 6.04 9.18 24.53
CA PHE B 88 5.75 7.88 23.92
C PHE B 88 5.14 6.94 24.95
N GLY B 89 5.66 6.99 26.18
CA GLY B 89 5.10 6.25 27.29
C GLY B 89 3.63 6.63 27.57
N ARG B 90 3.34 7.92 27.61
CA ARG B 90 1.97 8.39 27.82
C ARG B 90 1.04 7.94 26.68
N MET B 91 1.51 8.08 25.45
CA MET B 91 0.72 7.64 24.32
C MET B 91 0.42 6.14 24.36
N ALA B 92 1.41 5.36 24.78
CA ALA B 92 1.24 3.90 24.92
C ALA B 92 0.14 3.61 25.94
N ALA B 93 0.22 4.26 27.11
CA ALA B 93 -0.76 4.07 28.17
C ALA B 93 -2.16 4.46 27.68
N GLY B 94 -2.24 5.55 26.91
CA GLY B 94 -3.52 6.02 26.39
C GLY B 94 -4.05 5.20 25.23
N SER B 95 -3.28 4.21 24.78
CA SER B 95 -3.68 3.36 23.65
C SER B 95 -4.32 2.05 24.06
N MET B 96 -4.21 1.71 25.35
CA MET B 96 -4.54 0.36 25.83
C MET B 96 -6.01 0.00 25.79
N ASP B 97 -6.89 0.92 26.18
CA ASP B 97 -8.33 0.67 26.10
C ASP B 97 -8.84 0.36 24.69
N ALA B 98 -8.46 1.17 23.69
CA ALA B 98 -8.80 0.89 22.29
C ALA B 98 -8.20 -0.43 21.78
N LEU B 99 -6.95 -0.74 22.15
CA LEU B 99 -6.31 -1.97 21.70
C LEU B 99 -6.91 -3.23 22.35
N ARG B 100 -7.32 -3.11 23.62
CA ARG B 100 -8.03 -4.18 24.32
C ARG B 100 -9.36 -4.51 23.65
N GLU B 101 -10.09 -3.46 23.27
CA GLU B 101 -11.38 -3.61 22.60
C GLU B 101 -11.24 -4.23 21.21
N VAL B 102 -10.23 -3.81 20.45
CA VAL B 102 -9.97 -4.39 19.12
C VAL B 102 -9.58 -5.86 19.23
N THR B 103 -8.67 -6.17 20.15
CA THR B 103 -8.10 -7.51 20.25
C THR B 103 -9.02 -8.55 20.92
N ALA B 104 -10.08 -8.07 21.59
CA ALA B 104 -11.12 -8.96 22.14
C ALA B 104 -11.96 -9.58 21.03
N ASN B 105 -12.04 -8.90 19.89
CA ASN B 105 -12.83 -9.35 18.74
C ASN B 105 -11.99 -9.77 17.53
N TRP B 106 -10.79 -9.21 17.41
CA TRP B 106 -9.85 -9.61 16.35
C TRP B 106 -8.54 -9.90 17.06
N ARG B 107 -8.33 -11.17 17.37
CA ARG B 107 -7.24 -11.55 18.25
C ARG B 107 -5.98 -11.85 17.44
N PRO B 108 -4.94 -11.02 17.59
CA PRO B 108 -3.75 -11.27 16.77
C PRO B 108 -2.98 -12.46 17.28
N ASP B 109 -2.30 -13.13 16.36
CA ASP B 109 -1.38 -14.22 16.69
C ASP B 109 -0.01 -13.63 17.04
N LEU B 110 0.23 -12.38 16.62
CA LEU B 110 1.54 -11.76 16.74
C LEU B 110 1.37 -10.24 16.69
N VAL B 111 2.22 -9.51 17.41
CA VAL B 111 2.17 -8.03 17.42
C VAL B 111 3.52 -7.44 16.98
N VAL B 112 3.49 -6.52 16.02
CA VAL B 112 4.70 -5.80 15.57
C VAL B 112 4.55 -4.33 15.94
N GLY B 113 5.48 -3.83 16.75
CA GLY B 113 5.55 -2.39 17.02
C GLY B 113 6.81 -1.75 16.46
N GLY B 114 6.74 -0.45 16.22
CA GLY B 114 7.93 0.32 15.81
C GLY B 114 8.80 0.63 17.02
N SER B 115 9.91 1.33 16.79
CA SER B 115 10.90 1.65 17.83
C SER B 115 10.28 2.07 19.18
N MET B 116 9.39 3.07 19.18
CA MET B 116 8.81 3.56 20.45
C MET B 116 7.29 3.41 20.53
N SER B 117 6.76 2.37 19.88
CA SER B 117 5.36 1.99 19.98
C SER B 117 5.21 1.02 21.14
N PHE B 118 5.33 1.52 22.37
CA PHE B 118 5.37 0.65 23.54
C PHE B 118 4.06 -0.10 23.83
N ALA B 119 2.93 0.41 23.31
CA ALA B 119 1.66 -0.30 23.47
C ALA B 119 1.68 -1.70 22.87
N ALA B 120 2.50 -1.89 21.83
CA ALA B 120 2.70 -3.19 21.20
C ALA B 120 3.31 -4.18 22.19
N ALA B 121 4.32 -3.74 22.95
CA ALA B 121 4.92 -4.57 24.00
C ALA B 121 3.88 -4.94 25.04
N LEU B 122 3.10 -3.94 25.46
CA LEU B 122 2.09 -4.09 26.51
C LEU B 122 0.94 -4.99 26.09
N ILE B 123 0.39 -4.75 24.91
CA ILE B 123 -0.74 -5.58 24.45
C ILE B 123 -0.30 -7.02 24.16
N ALA B 124 0.91 -7.20 23.64
CA ALA B 124 1.42 -8.56 23.38
C ALA B 124 1.54 -9.35 24.67
N ALA B 125 2.07 -8.69 25.71
CA ALA B 125 2.19 -9.29 27.04
C ALA B 125 0.82 -9.65 27.61
N GLU B 126 -0.15 -8.75 27.48
CA GLU B 126 -1.51 -9.00 27.94
C GLU B 126 -2.13 -10.19 27.26
N LEU B 127 -1.86 -10.31 25.97
CA LEU B 127 -2.44 -11.37 25.16
C LEU B 127 -1.68 -12.70 25.26
N GLY B 128 -0.42 -12.63 25.69
CA GLY B 128 0.49 -13.79 25.64
C GLY B 128 0.84 -14.21 24.23
N VAL B 129 1.15 -13.24 23.37
CA VAL B 129 1.57 -13.54 22.01
C VAL B 129 2.94 -12.87 21.76
N PRO B 130 3.69 -13.35 20.76
CA PRO B 130 5.03 -12.77 20.57
C PRO B 130 4.99 -11.30 20.18
N TYR B 131 5.92 -10.54 20.73
CA TYR B 131 6.08 -9.12 20.43
C TYR B 131 7.33 -8.93 19.58
N VAL B 132 7.17 -8.28 18.44
CA VAL B 132 8.29 -8.01 17.54
C VAL B 132 8.43 -6.49 17.51
N ARG B 133 9.67 -6.03 17.69
CA ARG B 133 9.98 -4.60 17.60
C ARG B 133 10.76 -4.38 16.32
N GLN B 134 10.27 -3.46 15.49
CA GLN B 134 10.97 -3.11 14.25
C GLN B 134 11.49 -1.69 14.34
N ALA B 135 12.80 -1.52 14.16
CA ALA B 135 13.39 -0.18 14.11
C ALA B 135 12.68 0.62 13.01
N TRP B 136 12.27 1.84 13.33
CA TRP B 136 11.53 2.65 12.37
C TRP B 136 12.36 3.80 11.80
N ASP B 137 13.63 3.85 12.20
CA ASP B 137 14.64 4.66 11.55
C ASP B 137 16.02 4.04 11.86
N THR B 138 17.09 4.65 11.38
CA THR B 138 18.45 4.15 11.66
C THR B 138 18.96 4.51 13.06
N GLY B 139 18.15 5.23 13.83
CA GLY B 139 18.51 5.53 15.22
C GLY B 139 18.36 4.32 16.11
N ASP B 140 19.04 4.33 17.25
CA ASP B 140 18.90 3.25 18.22
C ASP B 140 17.44 3.10 18.68
N ALA B 141 16.82 1.97 18.36
CA ALA B 141 15.41 1.72 18.68
C ALA B 141 15.12 1.79 20.19
N TRP B 142 16.15 1.48 20.99
CA TRP B 142 16.07 1.41 22.45
C TRP B 142 16.42 2.72 23.18
N ARG B 143 16.70 3.79 22.42
CA ARG B 143 17.28 5.02 23.00
C ARG B 143 16.40 5.78 24.00
N THR B 144 15.08 5.53 23.99
CA THR B 144 14.19 6.18 24.97
C THR B 144 13.64 5.18 26.02
N ASP B 145 14.13 3.95 25.97
CA ASP B 145 13.61 2.88 26.85
C ASP B 145 13.68 3.15 28.36
N PRO B 146 14.80 3.71 28.87
CA PRO B 146 14.81 3.92 30.33
C PRO B 146 13.69 4.87 30.80
N ALA B 147 13.48 5.97 30.06
CA ALA B 147 12.44 6.94 30.40
C ALA B 147 11.02 6.37 30.19
N ALA B 148 10.86 5.60 29.12
CA ALA B 148 9.57 4.97 28.84
C ALA B 148 9.19 3.97 29.93
N SER B 149 10.17 3.19 30.37
CA SER B 149 9.97 2.22 31.45
C SER B 149 9.55 2.88 32.77
N ASP B 150 10.08 4.07 33.05
CA ASP B 150 9.69 4.81 34.24
C ASP B 150 8.24 5.30 34.07
N GLU B 151 7.94 5.87 32.92
CA GLU B 151 6.59 6.36 32.62
C GLU B 151 5.56 5.24 32.73
N LEU B 152 5.90 4.08 32.20
CA LEU B 152 5.01 2.93 32.15
C LEU B 152 5.08 1.99 33.38
N ARG B 153 5.68 2.44 34.47
CA ARG B 153 5.72 1.63 35.71
C ARG B 153 4.39 0.99 36.12
N PRO B 154 3.30 1.77 36.21
CA PRO B 154 2.05 1.18 36.66
C PRO B 154 1.58 0.07 35.73
N GLU B 155 1.64 0.32 34.42
CA GLU B 155 1.23 -0.67 33.44
C GLU B 155 2.11 -1.94 33.48
N LEU B 156 3.42 -1.75 33.64
CA LEU B 156 4.38 -2.87 33.66
C LEU B 156 4.23 -3.71 34.92
N ARG B 157 4.02 -3.05 36.05
CA ARG B 157 3.75 -3.74 37.30
C ARG B 157 2.47 -4.58 37.23
N ALA B 158 1.41 -4.00 36.63
CA ALA B 158 0.18 -4.74 36.39
C ALA B 158 0.41 -6.03 35.60
N LEU B 159 1.48 -6.06 34.81
CA LEU B 159 1.84 -7.24 34.01
C LEU B 159 2.89 -8.11 34.71
N GLY B 160 3.28 -7.72 35.92
CA GLY B 160 4.30 -8.42 36.69
C GLY B 160 5.70 -8.23 36.15
N LEU B 161 5.92 -7.11 35.44
CA LEU B 161 7.23 -6.78 34.88
C LEU B 161 7.89 -5.59 35.58
N ASP B 162 9.22 -5.62 35.68
CA ASP B 162 9.99 -4.53 36.31
C ASP B 162 10.31 -3.43 35.31
N ARG B 163 10.46 -3.80 34.05
CA ARG B 163 10.76 -2.87 32.97
C ARG B 163 10.16 -3.41 31.68
N LEU B 164 10.32 -2.66 30.59
CA LEU B 164 9.86 -3.09 29.27
C LEU B 164 10.37 -4.48 28.91
N PRO B 165 9.46 -5.36 28.48
CA PRO B 165 9.87 -6.72 28.11
C PRO B 165 10.72 -6.71 26.84
N ASP B 166 11.71 -7.60 26.76
CA ASP B 166 12.49 -7.73 25.54
C ASP B 166 11.58 -8.29 24.44
N PRO B 167 11.78 -7.84 23.20
CA PRO B 167 11.01 -8.43 22.12
C PRO B 167 11.39 -9.90 21.88
N ALA B 168 10.44 -10.67 21.35
CA ALA B 168 10.70 -12.04 20.88
C ALA B 168 11.67 -11.97 19.71
N LEU B 169 11.60 -10.88 18.94
CA LEU B 169 12.50 -10.63 17.83
C LEU B 169 12.65 -9.14 17.64
N PHE B 170 13.88 -8.71 17.38
CA PHE B 170 14.17 -7.33 16.99
C PHE B 170 14.47 -7.30 15.50
N VAL B 171 13.77 -6.44 14.76
CA VAL B 171 13.96 -6.32 13.32
C VAL B 171 14.59 -4.95 13.08
N ASP B 172 15.80 -4.97 12.52
CA ASP B 172 16.58 -3.73 12.36
C ASP B 172 16.80 -3.42 10.90
N ILE B 173 16.73 -2.12 10.57
CA ILE B 173 16.90 -1.61 9.21
C ILE B 173 18.17 -0.75 9.07
N CYS B 174 18.93 -0.63 10.16
CA CYS B 174 20.15 0.17 10.12
C CYS B 174 21.27 -0.55 9.36
N PRO B 175 21.79 0.09 8.31
CA PRO B 175 22.89 -0.56 7.57
C PRO B 175 24.13 -0.68 8.48
N PRO B 176 24.94 -1.74 8.29
CA PRO B 176 26.10 -2.07 9.14
C PRO B 176 27.00 -0.91 9.50
N SER B 177 27.38 -0.09 8.51
CA SER B 177 28.29 1.04 8.76
C SER B 177 27.76 2.06 9.75
N LEU B 178 26.43 2.06 9.95
CA LEU B 178 25.79 2.99 10.88
C LEU B 178 25.33 2.34 12.21
N ARG B 179 25.41 1.01 12.33
CA ARG B 179 25.04 0.33 13.57
C ARG B 179 26.08 0.54 14.68
N PRO B 180 25.64 0.90 15.90
CA PRO B 180 26.62 1.06 16.97
C PRO B 180 27.16 -0.30 17.43
N ALA B 181 28.31 -0.28 18.10
CA ALA B 181 28.93 -1.49 18.65
C ALA B 181 28.04 -2.20 19.68
N ASP B 182 27.31 -1.43 20.47
CA ASP B 182 26.44 -2.01 21.50
C ASP B 182 25.10 -2.57 20.97
N ALA B 183 24.89 -2.55 19.65
CA ALA B 183 23.60 -2.98 19.07
C ALA B 183 23.31 -4.46 19.38
N PRO B 184 22.07 -4.78 19.79
CA PRO B 184 21.69 -6.15 20.08
C PRO B 184 21.53 -6.98 18.81
N PRO B 185 21.53 -8.32 18.93
CA PRO B 185 21.21 -9.21 17.82
C PRO B 185 19.87 -8.85 17.17
N ALA B 186 19.82 -8.94 15.84
CA ALA B 186 18.59 -8.61 15.12
C ALA B 186 18.45 -9.40 13.84
N GLN B 187 17.19 -9.60 13.44
CA GLN B 187 16.86 -9.99 12.08
C GLN B 187 16.97 -8.69 11.25
N MET B 188 17.92 -8.64 10.35
CA MET B 188 18.14 -7.46 9.51
C MET B 188 17.05 -7.39 8.44
N MET B 189 16.74 -6.18 7.99
CA MET B 189 15.77 -5.98 6.92
C MET B 189 16.17 -4.81 6.03
N ARG B 190 15.99 -5.00 4.73
CA ARG B 190 16.11 -3.93 3.76
C ARG B 190 14.92 -2.99 3.88
N TRP B 191 15.19 -1.76 4.23
CA TRP B 191 14.17 -0.74 4.27
C TRP B 191 13.81 -0.35 2.84
N VAL B 192 12.51 -0.19 2.58
CA VAL B 192 12.06 0.37 1.31
C VAL B 192 11.13 1.56 1.57
N PRO B 193 11.12 2.55 0.66
CA PRO B 193 10.26 3.72 0.89
C PRO B 193 8.79 3.33 0.75
N ALA B 194 7.93 3.86 1.61
CA ALA B 194 6.49 3.65 1.48
C ALA B 194 5.74 4.88 1.95
N ASN B 195 6.10 6.03 1.40
CA ASN B 195 5.50 7.31 1.81
C ASN B 195 4.16 7.57 1.11
N GLY B 196 3.44 8.59 1.58
CA GLY B 196 2.17 8.96 0.97
C GLY B 196 2.37 9.32 -0.49
N GLN B 197 1.33 9.09 -1.29
CA GLN B 197 1.43 9.27 -2.73
C GLN B 197 0.42 10.27 -3.25
N ARG B 198 0.73 10.82 -4.43
CA ARG B 198 -0.11 11.77 -5.14
C ARG B 198 0.03 11.47 -6.63
N ARG B 199 -0.82 12.12 -7.45
CA ARG B 199 -0.70 12.11 -8.90
C ARG B 199 0.66 12.70 -9.25
N LEU B 200 1.42 12.00 -10.09
CA LEU B 200 2.74 12.48 -10.47
C LEU B 200 2.68 13.43 -11.66
N GLU B 201 3.51 14.47 -11.60
CA GLU B 201 3.71 15.37 -12.72
C GLU B 201 5.17 15.27 -13.16
N PRO B 202 5.44 15.41 -14.48
CA PRO B 202 6.78 15.17 -15.04
C PRO B 202 7.96 15.74 -14.24
N TRP B 203 7.81 16.92 -13.65
CA TRP B 203 8.91 17.55 -12.90
C TRP B 203 9.38 16.69 -11.72
N MET B 204 8.49 15.88 -11.19
CA MET B 204 8.82 15.05 -10.02
C MET B 204 9.84 13.95 -10.33
N TYR B 205 9.78 13.42 -11.55
CA TYR B 205 10.66 12.29 -11.91
C TYR B 205 11.61 12.58 -13.08
N THR B 206 11.61 13.82 -13.55
CA THR B 206 12.57 14.26 -14.58
C THR B 206 13.51 15.28 -13.95
N LYS B 207 14.81 15.02 -13.97
CA LYS B 207 15.77 16.04 -13.56
C LYS B 207 16.07 16.99 -14.72
N GLY B 208 16.30 18.26 -14.41
CA GLY B 208 16.72 19.26 -15.40
C GLY B 208 18.22 19.18 -15.64
N ASN B 209 18.78 20.21 -16.26
CA ASN B 209 20.23 20.22 -16.53
C ASN B 209 21.09 20.56 -15.32
N ARG B 210 20.66 21.56 -14.55
CA ARG B 210 21.38 21.98 -13.34
C ARG B 210 21.09 21.07 -12.14
N PRO B 211 21.99 21.08 -11.13
CA PRO B 211 21.77 20.30 -9.92
C PRO B 211 20.44 20.64 -9.24
N ARG B 212 19.90 19.66 -8.51
CA ARG B 212 18.62 19.82 -7.87
C ARG B 212 18.74 19.57 -6.38
N ILE B 213 18.27 20.54 -5.59
CA ILE B 213 18.27 20.46 -4.14
C ILE B 213 16.84 20.39 -3.62
N LEU B 214 16.53 19.33 -2.86
CA LEU B 214 15.24 19.23 -2.23
C LEU B 214 15.30 19.74 -0.81
N VAL B 215 14.34 20.59 -0.43
CA VAL B 215 14.22 21.10 0.93
C VAL B 215 12.93 20.57 1.57
N THR B 216 13.02 20.05 2.79
CA THR B 216 11.84 19.54 3.50
C THR B 216 11.94 19.77 5.01
N SER B 217 10.79 19.87 5.68
CA SER B 217 10.74 19.93 7.15
C SER B 217 9.91 18.79 7.75
N GLY B 218 9.55 17.82 6.92
CA GLY B 218 8.88 16.61 7.40
C GLY B 218 7.36 16.69 7.35
N SER B 219 6.71 15.70 7.97
CA SER B 219 5.27 15.48 7.81
C SER B 219 4.44 15.69 9.09
N ARG B 220 5.02 16.35 10.09
CA ARG B 220 4.29 16.69 11.31
C ARG B 220 3.71 18.10 11.22
N LEU B 221 2.40 18.22 11.41
CA LEU B 221 1.73 19.51 11.45
C LEU B 221 1.93 20.18 12.79
N GLY B 228 7.92 28.24 7.79
CA GLY B 228 8.65 29.17 8.65
C GLY B 228 10.16 29.11 8.43
N PHE B 229 10.77 28.05 8.94
CA PHE B 229 12.21 27.83 8.79
C PHE B 229 12.54 27.28 7.39
N LEU B 230 11.54 26.71 6.72
CA LEU B 230 11.63 26.30 5.32
C LEU B 230 11.85 27.52 4.41
N ARG B 231 11.20 28.63 4.75
CA ARG B 231 11.23 29.86 3.96
C ARG B 231 12.63 30.48 3.93
N GLY B 232 13.37 30.27 5.02
CA GLY B 232 14.74 30.76 5.13
C GLY B 232 15.72 29.90 4.35
N LEU B 233 15.54 28.58 4.42
CA LEU B 233 16.38 27.63 3.70
C LEU B 233 16.41 27.91 2.19
N VAL B 234 15.22 28.12 1.61
CA VAL B 234 15.07 28.45 0.19
C VAL B 234 15.74 29.79 -0.15
N ALA B 235 15.65 30.74 0.78
CA ALA B 235 16.27 32.05 0.62
C ALA B 235 17.80 31.97 0.62
N ASP B 236 18.33 30.95 1.29
CA ASP B 236 19.77 30.65 1.29
C ASP B 236 20.21 30.11 -0.07
N MET B 237 19.39 29.23 -0.65
CA MET B 237 19.68 28.57 -1.91
C MET B 237 19.82 29.54 -3.10
N ALA B 238 19.24 30.73 -2.94
CA ALA B 238 19.17 31.76 -3.98
C ALA B 238 20.50 32.09 -4.69
N ALA B 239 21.63 31.85 -4.04
CA ALA B 239 22.93 32.16 -4.63
C ALA B 239 23.40 31.09 -5.62
N LEU B 240 23.24 29.82 -5.23
CA LEU B 240 23.70 28.69 -6.04
C LEU B 240 22.86 28.53 -7.30
N ASP B 241 23.49 28.05 -8.38
CA ASP B 241 22.77 27.77 -9.62
C ASP B 241 22.17 26.36 -9.56
N ALA B 242 21.17 26.23 -8.71
CA ALA B 242 20.51 24.95 -8.48
C ALA B 242 19.00 25.11 -8.46
N GLU B 243 18.31 24.11 -8.99
CA GLU B 243 16.86 24.06 -8.92
C GLU B 243 16.45 23.61 -7.53
N VAL B 244 15.56 24.36 -6.89
CA VAL B 244 15.11 24.05 -5.53
C VAL B 244 13.67 23.55 -5.52
N VAL B 245 13.44 22.43 -4.84
CA VAL B 245 12.12 21.82 -4.73
C VAL B 245 11.72 21.72 -3.26
N ILE B 246 10.55 22.25 -2.91
CA ILE B 246 10.09 22.25 -1.52
C ILE B 246 9.04 21.18 -1.25
N ALA B 247 9.43 20.18 -0.49
CA ALA B 247 8.52 19.10 -0.10
C ALA B 247 7.95 19.39 1.29
N THR B 248 6.65 19.65 1.34
CA THR B 248 5.97 20.02 2.60
C THR B 248 4.49 19.60 2.57
N LEU B 249 3.77 19.80 3.67
CA LEU B 249 2.34 19.46 3.73
C LEU B 249 1.55 20.35 2.79
N ASP B 250 0.52 19.77 2.15
CA ASP B 250 -0.35 20.52 1.24
C ASP B 250 -1.09 21.64 1.97
N GLU B 251 -1.57 21.34 3.18
CA GLU B 251 -2.25 22.31 4.02
C GLU B 251 -1.26 23.23 4.73
N ARG B 264 8.19 25.03 -6.83
CA ARG B 264 7.07 24.18 -6.44
C ARG B 264 6.93 24.15 -4.92
N ALA B 265 5.71 23.95 -4.43
CA ALA B 265 5.45 23.74 -2.99
C ALA B 265 4.27 22.79 -2.74
N GLY B 266 4.53 21.71 -2.02
CA GLY B 266 3.46 20.77 -1.65
C GLY B 266 3.98 19.38 -1.32
N TRP B 267 3.06 18.45 -1.08
CA TRP B 267 3.45 17.06 -0.85
C TRP B 267 3.91 16.47 -2.19
N VAL B 268 5.18 16.06 -2.23
CA VAL B 268 5.73 15.35 -3.36
C VAL B 268 6.31 14.05 -2.79
N PRO B 269 5.92 12.90 -3.37
CA PRO B 269 6.38 11.63 -2.82
C PRO B 269 7.90 11.61 -2.88
N LEU B 270 8.52 11.53 -1.70
CA LEU B 270 9.98 11.58 -1.58
C LEU B 270 10.69 10.46 -2.33
N ASP B 271 10.14 9.24 -2.24
CA ASP B 271 10.67 8.11 -2.98
C ASP B 271 10.78 8.39 -4.49
N VAL B 272 9.87 9.19 -5.03
CA VAL B 272 9.88 9.45 -6.47
C VAL B 272 10.88 10.53 -6.83
N VAL B 273 10.90 11.61 -6.05
CA VAL B 273 11.69 12.79 -6.45
C VAL B 273 13.18 12.73 -6.00
N VAL B 274 13.44 12.11 -4.86
CA VAL B 274 14.82 12.02 -4.33
C VAL B 274 15.85 11.43 -5.33
N PRO B 275 15.48 10.37 -6.09
CA PRO B 275 16.40 9.92 -7.15
C PRO B 275 16.82 10.99 -8.16
N THR B 276 16.04 12.07 -8.31
CA THR B 276 16.43 13.16 -9.23
C THR B 276 17.25 14.27 -8.55
N CYS B 277 17.46 14.15 -7.24
CA CYS B 277 18.15 15.18 -6.46
C CYS B 277 19.62 14.90 -6.24
N ASP B 278 20.40 15.96 -6.06
CA ASP B 278 21.82 15.84 -5.73
C ASP B 278 22.08 16.11 -4.24
N VAL B 279 21.13 16.80 -3.59
CA VAL B 279 21.17 17.07 -2.16
C VAL B 279 19.74 16.99 -1.62
N VAL B 280 19.59 16.40 -0.44
CA VAL B 280 18.35 16.47 0.31
C VAL B 280 18.62 17.27 1.59
N VAL B 281 17.93 18.39 1.76
CA VAL B 281 18.06 19.22 2.95
C VAL B 281 16.87 18.98 3.86
N HIS B 282 17.11 18.60 5.11
CA HIS B 282 16.03 18.33 6.05
C HIS B 282 16.30 18.64 7.53
N HIS B 283 15.26 18.44 8.33
CA HIS B 283 15.17 18.87 9.73
C HIS B 283 15.70 17.85 10.76
N ALA B 284 16.24 16.74 10.30
CA ALA B 284 16.64 15.60 11.17
C ALA B 284 15.51 14.59 11.35
N GLY B 285 14.88 14.23 10.23
CA GLY B 285 13.84 13.21 10.23
C GLY B 285 14.42 11.88 9.79
N GLY B 286 14.18 10.85 10.59
CA GLY B 286 14.71 9.51 10.33
C GLY B 286 14.39 8.94 8.96
N VAL B 287 13.12 9.04 8.56
CA VAL B 287 12.71 8.39 7.31
C VAL B 287 13.19 9.17 6.07
N THR B 288 13.24 10.51 6.15
CA THR B 288 13.86 11.33 5.09
C THR B 288 15.34 10.95 4.91
N ALA B 289 16.06 10.80 6.02
CA ALA B 289 17.46 10.36 5.99
C ALA B 289 17.60 9.02 5.26
N LEU B 290 16.72 8.07 5.61
CA LEU B 290 16.70 6.77 4.96
C LEU B 290 16.40 6.87 3.47
N THR B 291 15.45 7.74 3.12
CA THR B 291 15.11 7.92 1.70
C THR B 291 16.31 8.41 0.89
N ALA B 292 17.03 9.38 1.43
CA ALA B 292 18.23 9.94 0.79
C ALA B 292 19.31 8.86 0.64
N MET B 293 19.70 8.24 1.76
CA MET B 293 20.71 7.18 1.80
C MET B 293 20.39 6.07 0.81
N ASN B 294 19.16 5.58 0.87
CA ASN B 294 18.66 4.53 -0.01
C ASN B 294 18.84 4.81 -1.50
N ALA B 295 18.62 6.08 -1.87
CA ALA B 295 18.77 6.51 -3.26
C ALA B 295 20.20 6.97 -3.58
N GLY B 296 21.09 6.90 -2.59
CA GLY B 296 22.49 7.31 -2.75
C GLY B 296 22.71 8.82 -2.84
N VAL B 297 21.82 9.61 -2.23
CA VAL B 297 21.89 11.06 -2.39
C VAL B 297 22.46 11.68 -1.12
N PRO B 298 23.48 12.56 -1.26
CA PRO B 298 24.00 13.32 -0.11
C PRO B 298 22.88 14.10 0.60
N GLN B 299 23.02 14.29 1.90
CA GLN B 299 22.02 15.04 2.64
C GLN B 299 22.61 16.09 3.56
N LEU B 300 21.85 17.16 3.76
CA LEU B 300 22.19 18.23 4.68
C LEU B 300 21.18 18.18 5.82
N ILE B 301 21.67 17.87 7.02
CA ILE B 301 20.83 17.76 8.19
C ILE B 301 20.94 19.04 9.02
N VAL B 302 19.81 19.74 9.16
CA VAL B 302 19.72 20.95 9.96
C VAL B 302 18.78 20.67 11.14
N PRO B 303 19.35 20.24 12.28
CA PRO B 303 18.52 19.67 13.35
C PRO B 303 17.55 20.67 13.99
N GLN B 304 16.29 20.26 14.06
CA GLN B 304 15.21 21.02 14.70
C GLN B 304 14.64 20.16 15.83
N GLY B 305 15.42 20.02 16.90
CA GLY B 305 15.05 19.17 18.04
C GLY B 305 14.84 17.71 17.64
N GLY B 306 13.92 17.03 18.33
CA GLY B 306 13.63 15.63 18.04
C GLY B 306 14.69 14.68 18.56
N ASN B 307 14.45 13.38 18.39
CA ASN B 307 15.30 12.33 18.95
C ASN B 307 16.18 11.61 17.91
N PHE B 308 16.30 12.19 16.73
CA PHE B 308 17.09 11.59 15.66
C PHE B 308 18.45 12.26 15.48
N VAL B 309 18.66 13.35 16.21
CA VAL B 309 19.85 14.19 16.05
C VAL B 309 21.15 13.41 16.01
N GLU B 310 21.38 12.53 16.98
CA GLU B 310 22.65 11.82 17.03
C GLU B 310 22.79 10.78 15.93
N ALA B 311 21.66 10.17 15.53
CA ALA B 311 21.67 9.23 14.41
C ALA B 311 22.01 9.95 13.10
N GLY B 312 21.56 11.19 12.96
CA GLY B 312 21.98 12.02 11.83
C GLY B 312 23.47 12.30 11.86
N LEU B 313 24.02 12.43 13.07
CA LEU B 313 25.45 12.66 13.23
C LEU B 313 26.30 11.49 12.78
N ARG B 314 25.79 10.27 12.98
CA ARG B 314 26.44 9.05 12.47
C ARG B 314 26.57 9.08 10.94
N ILE B 315 25.51 9.50 10.28
CA ILE B 315 25.51 9.65 8.83
C ILE B 315 26.54 10.72 8.44
N SER B 316 26.64 11.77 9.26
CA SER B 316 27.63 12.85 9.10
C SER B 316 29.06 12.33 9.23
N ASP B 317 29.31 11.63 10.32
CA ASP B 317 30.60 11.02 10.63
C ASP B 317 31.06 10.04 9.57
N PHE B 318 30.13 9.28 9.00
CA PHE B 318 30.44 8.32 7.95
C PHE B 318 30.85 9.01 6.62
N GLY B 319 30.38 10.24 6.42
CA GLY B 319 30.74 11.05 5.25
C GLY B 319 29.65 11.15 4.19
N ALA B 320 28.46 10.61 4.48
CA ALA B 320 27.33 10.63 3.53
C ALA B 320 26.37 11.80 3.76
N ALA B 321 26.76 12.72 4.66
CA ALA B 321 25.98 13.91 5.01
C ALA B 321 26.87 14.97 5.63
N ILE B 322 26.30 16.17 5.77
CA ILE B 322 26.84 17.22 6.63
C ILE B 322 25.72 17.64 7.58
N THR B 323 26.04 17.78 8.86
CA THR B 323 25.12 18.32 9.85
C THR B 323 25.55 19.74 10.17
N VAL B 324 24.71 20.72 9.83
CA VAL B 324 25.00 22.11 10.13
C VAL B 324 24.84 22.32 11.65
N ASP B 325 25.95 22.68 12.29
CA ASP B 325 26.06 22.79 13.75
C ASP B 325 24.95 23.63 14.41
N GLU B 326 24.62 24.76 13.79
CA GLU B 326 23.62 25.66 14.35
C GLU B 326 22.89 26.50 13.29
N ASN B 327 22.14 27.49 13.75
CA ASN B 327 21.49 28.46 12.87
C ASN B 327 22.46 29.61 12.58
N THR B 328 23.05 29.57 11.38
CA THR B 328 23.97 30.60 10.92
C THR B 328 23.60 30.95 9.48
N PRO B 329 23.51 32.26 9.18
CA PRO B 329 23.33 32.67 7.78
C PRO B 329 24.48 32.16 6.92
N GLU B 330 24.14 31.61 5.76
CA GLU B 330 25.12 31.11 4.78
C GLU B 330 25.74 29.74 5.13
N ALA B 331 25.40 29.19 6.30
CA ALA B 331 25.90 27.88 6.71
C ALA B 331 25.31 26.76 5.86
N VAL B 332 24.01 26.86 5.63
CA VAL B 332 23.26 25.94 4.76
C VAL B 332 23.79 26.05 3.32
N GLU B 333 23.94 27.28 2.84
CA GLU B 333 24.41 27.54 1.49
C GLU B 333 25.79 26.94 1.22
N LYS B 334 26.75 27.21 2.11
CA LYS B 334 28.10 26.69 1.92
C LYS B 334 28.17 25.17 2.04
N ALA B 335 27.37 24.60 2.94
CA ALA B 335 27.29 23.15 3.09
C ALA B 335 26.70 22.51 1.82
N CYS B 336 25.66 23.11 1.27
CA CYS B 336 25.07 22.67 0.00
C CYS B 336 26.11 22.65 -1.11
N GLY B 337 26.92 23.71 -1.18
CA GLY B 337 27.97 23.83 -2.19
C GLY B 337 29.03 22.76 -2.09
N GLU B 338 29.34 22.36 -0.86
CA GLU B 338 30.32 21.31 -0.60
C GLU B 338 29.77 19.92 -0.96
N LEU B 339 28.49 19.69 -0.68
CA LEU B 339 27.83 18.44 -1.02
C LEU B 339 27.64 18.24 -2.52
N ILE B 340 27.60 19.33 -3.28
CA ILE B 340 27.42 19.26 -4.73
C ILE B 340 28.75 19.05 -5.45
N GLY B 341 29.77 19.81 -5.04
CA GLY B 341 31.06 19.80 -5.71
C GLY B 341 32.13 18.90 -5.12
N ASN B 342 31.83 18.19 -4.04
CA ASN B 342 32.76 17.18 -3.52
C ASN B 342 32.14 15.78 -3.62
N PRO B 343 32.64 14.98 -4.58
CA PRO B 343 32.07 13.66 -4.92
C PRO B 343 32.06 12.65 -3.76
N SER B 344 32.87 12.88 -2.73
CA SER B 344 32.99 11.93 -1.63
C SER B 344 31.67 11.68 -0.89
N TYR B 345 30.85 12.72 -0.78
CA TYR B 345 29.57 12.62 -0.07
C TYR B 345 28.61 11.67 -0.77
N ALA B 346 28.49 11.77 -2.08
CA ALA B 346 27.65 10.87 -2.86
C ALA B 346 28.23 9.44 -2.91
N GLU B 347 29.56 9.34 -2.98
CA GLU B 347 30.25 8.05 -2.89
C GLU B 347 29.89 7.30 -1.61
N ARG B 348 30.00 7.98 -0.46
CA ARG B 348 29.59 7.40 0.82
C ARG B 348 28.09 7.12 0.86
N ALA B 349 27.29 8.00 0.28
CA ALA B 349 25.85 7.80 0.21
C ALA B 349 25.50 6.56 -0.61
N ARG B 350 26.22 6.36 -1.71
CA ARG B 350 26.00 5.18 -2.56
C ARG B 350 26.45 3.89 -1.87
N GLU B 351 27.52 4.00 -1.08
CA GLU B 351 27.98 2.92 -0.21
C GLU B 351 26.87 2.48 0.77
N LEU B 352 26.19 3.45 1.38
CA LEU B 352 25.08 3.16 2.29
C LEU B 352 23.91 2.55 1.55
N SER B 353 23.67 3.04 0.34
CA SER B 353 22.62 2.50 -0.49
C SER B 353 22.85 1.02 -0.77
N ALA B 354 24.11 0.64 -1.02
CA ALA B 354 24.46 -0.74 -1.36
C ALA B 354 24.28 -1.65 -0.14
N GLU B 355 24.72 -1.18 1.02
CA GLU B 355 24.50 -1.89 2.28
C GLU B 355 23.02 -2.20 2.52
N ILE B 356 22.15 -1.20 2.31
CA ILE B 356 20.72 -1.39 2.48
C ILE B 356 20.22 -2.46 1.51
N ALA B 357 20.65 -2.38 0.24
CA ALA B 357 20.17 -3.29 -0.80
C ALA B 357 20.60 -4.75 -0.60
N ALA B 358 21.64 -4.97 0.21
CA ALA B 358 22.15 -6.30 0.53
C ALA B 358 21.40 -6.98 1.70
N LEU B 359 20.59 -6.22 2.42
CA LEU B 359 19.86 -6.73 3.59
C LEU B 359 18.63 -7.56 3.20
N PRO B 360 18.17 -8.47 4.08
CA PRO B 360 17.05 -9.35 3.74
C PRO B 360 15.76 -8.59 3.40
N LEU B 361 15.07 -9.04 2.35
CA LEU B 361 13.83 -8.41 1.93
C LEU B 361 12.73 -8.53 2.97
N PRO B 362 11.85 -7.50 3.07
CA PRO B 362 10.63 -7.58 3.88
C PRO B 362 9.91 -8.92 3.70
N ALA B 363 9.85 -9.39 2.45
CA ALA B 363 9.30 -10.71 2.11
C ALA B 363 9.95 -11.89 2.87
N GLU B 364 11.28 -11.87 3.00
CA GLU B 364 12.00 -12.88 3.79
C GLU B 364 11.70 -12.73 5.28
N VAL B 365 11.61 -11.48 5.73
CA VAL B 365 11.33 -11.19 7.16
C VAL B 365 9.98 -11.71 7.61
N VAL B 366 9.00 -11.75 6.70
CA VAL B 366 7.68 -12.35 7.02
C VAL B 366 7.85 -13.79 7.50
N GLY B 367 8.80 -14.52 6.90
CA GLY B 367 9.10 -15.92 7.30
C GLY B 367 9.61 -16.03 8.72
N ALA B 368 10.38 -15.03 9.16
CA ALA B 368 10.85 -14.96 10.55
C ALA B 368 9.72 -14.64 11.53
N LEU B 369 8.77 -13.80 11.13
CA LEU B 369 7.55 -13.56 11.91
C LEU B 369 6.77 -14.87 12.04
N GLU B 370 6.61 -15.57 10.92
CA GLU B 370 5.94 -16.88 10.89
C GLU B 370 6.58 -17.90 11.83
N GLY B 371 7.91 -17.93 11.86
CA GLY B 371 8.64 -18.84 12.76
C GLY B 371 8.38 -18.63 14.24
N LEU B 372 7.89 -17.44 14.59
CA LEU B 372 7.59 -17.12 16.00
C LEU B 372 6.28 -17.75 16.53
N VAL B 373 5.37 -18.11 15.61
CA VAL B 373 4.08 -18.68 16.00
C VAL B 373 3.87 -20.09 15.44
N GLU B 374 4.52 -20.40 14.31
CA GLU B 374 4.50 -21.75 13.72
C GLU B 374 5.30 -22.72 14.59
PA TYD C . -15.55 -5.78 -8.40
O1A TYD C . -16.12 -6.81 -7.45
O2A TYD C . -14.87 -6.29 -9.65
O3A TYD C . -16.81 -4.81 -8.73
PB TYD C . -16.88 -3.59 -9.80
O1B TYD C . -18.24 -3.75 -10.46
O2B TYD C . -15.71 -3.78 -10.74
O3B TYD C . -16.81 -2.36 -8.92
O5' TYD C . -14.53 -4.85 -7.56
C5' TYD C . -14.91 -4.21 -6.33
C4' TYD C . -13.66 -3.95 -5.49
O4' TYD C . -13.89 -2.86 -4.59
C3' TYD C . -13.28 -5.15 -4.64
O3' TYD C . -11.86 -5.25 -4.56
C2' TYD C . -13.82 -4.82 -3.25
C1' TYD C . -13.78 -3.31 -3.24
N1 TYD C . -14.85 -2.76 -2.40
C2 TYD C . -14.63 -2.70 -1.01
O2 TYD C . -13.56 -3.12 -0.54
N3 TYD C . -15.57 -2.20 -0.19
C4 TYD C . -16.74 -1.74 -0.67
O4 TYD C . -17.59 -1.26 0.09
C5 TYD C . -16.98 -1.77 -2.14
C5M TYD C . -18.27 -1.27 -2.75
C6 TYD C . -15.99 -2.30 -2.96
MG MG D . -12.62 -1.58 -36.44
PA TYD E . 10.67 12.01 8.73
O1A TYD E . 11.03 10.92 9.72
O2A TYD E . 11.69 12.51 7.75
O3A TYD E . 10.17 13.33 9.51
PB TYD E . 8.89 13.56 10.47
O1B TYD E . 8.90 12.42 11.47
O2B TYD E . 9.23 14.91 11.04
O3B TYD E . 7.71 13.60 9.52
O5' TYD E . 9.41 11.49 7.86
C5' TYD E . 8.85 12.20 6.77
C4' TYD E . 8.11 11.19 5.91
O4' TYD E . 7.08 11.86 5.16
C3' TYD E . 9.03 10.52 4.89
O3' TYD E . 8.65 9.14 4.70
C2' TYD E . 8.78 11.27 3.61
C1' TYD E . 7.33 11.74 3.75
N1 TYD E . 7.06 12.98 2.99
C2 TYD E . 6.97 12.91 1.58
O2 TYD E . 7.12 11.82 1.02
N3 TYD E . 6.73 14.00 0.83
C4 TYD E . 6.57 15.21 1.41
O4 TYD E . 6.35 16.21 0.69
C5 TYD E . 6.66 15.30 2.89
C5M TYD E . 6.48 16.61 3.62
C6 TYD E . 6.91 14.15 3.63
#